data_9OML
#
_entry.id   9OML
#
_cell.length_a   43.150
_cell.length_b   122.350
_cell.length_c   45.590
_cell.angle_alpha   90.000
_cell.angle_beta   93.516
_cell.angle_gamma   90.000
#
_symmetry.space_group_name_H-M   'P 1 21 1'
#
loop_
_entity.id
_entity.type
_entity.pdbx_description
1 polymer Glycosyltransferase
2 non-polymer "GUANOSINE-5'-MONOPHOSPHATE"
3 non-polymer GLYCEROL
4 non-polymer 'DIMETHYL SULFOXIDE'
5 non-polymer beta-D-glucopyranose
6 non-polymer 2-O-acetyl-6-deoxy-alpha-D-talopyranose
7 non-polymer alpha-L-fucopyranose
8 non-polymer OCTAN-1-OL
9 water water
#
_entity_poly.entity_id   1
_entity_poly.type   'polypeptide(L)'
_entity_poly.pdbx_seq_one_letter_code
;MGPEFDITVVIPTFKAEKTVGQCLESVLSQQGVSTEIIVVDGGSPDATISIVQSFSSTNLTIISEPDRGIYDAINKGVSR
AQGGMIGVLGADDVYKPNVLSVVKENASRGVEIVAGLTLIDGQLRADEQYRPAALISGIPFGHNAMFASQEAYRKVGLYD
LAYRICADAEWVHRAIKSDISCRKVEQVFVEFGTEGTSSTNPEEIIAEACSVIQRNFPFLLKEEAKYLLYGVRGWGETSR
IEQILRKYGHESVLFVTALQEAFPAVETAAALEHHHHHH
;
_entity_poly.pdbx_strand_id   A,B
#
loop_
_chem_comp.id
_chem_comp.type
_chem_comp.name
_chem_comp.formula
5GP non-polymer GUANOSINE-5'-MONOPHOSPHATE 'C10 H14 N5 O8 P'
A1CCW D-saccharide, alpha linking 2-O-acetyl-6-deoxy-alpha-D-talopyranose 'C8 H14 O6'
BGC D-saccharide, beta linking beta-D-glucopyranose 'C6 H12 O6'
DMS non-polymer 'DIMETHYL SULFOXIDE' 'C2 H6 O S'
FUC L-saccharide, alpha linking alpha-L-fucopyranose 'C6 H12 O5'
GOL non-polymer GLYCEROL 'C3 H8 O3'
OC9 non-polymer OCTAN-1-OL 'C8 H18 O'
#
# COMPACT_ATOMS: atom_id res chain seq x y z
N GLU A 4 -6.33 20.51 26.72
CA GLU A 4 -6.43 19.87 25.40
C GLU A 4 -7.88 19.40 25.19
N PHE A 5 -8.04 18.31 24.47
CA PHE A 5 -9.34 17.73 24.23
C PHE A 5 -9.40 16.34 24.86
N ASP A 6 -10.61 15.97 25.30
CA ASP A 6 -10.83 14.61 25.78
C ASP A 6 -10.73 13.61 24.64
N ILE A 7 -11.28 13.98 23.48
CA ILE A 7 -11.46 13.07 22.36
C ILE A 7 -11.03 13.76 21.08
N THR A 8 -10.39 13.01 20.19
CA THR A 8 -10.25 13.41 18.79
C THR A 8 -10.95 12.35 17.94
N VAL A 9 -11.81 12.79 17.03
CA VAL A 9 -12.42 11.90 16.05
C VAL A 9 -11.79 12.22 14.69
N VAL A 10 -11.15 11.22 14.09
CA VAL A 10 -10.59 11.33 12.76
C VAL A 10 -11.62 10.79 11.79
N ILE A 11 -11.99 11.59 10.80
CA ILE A 11 -12.99 11.21 9.82
C ILE A 11 -12.35 11.30 8.43
N PRO A 12 -11.92 10.17 7.87
CA PRO A 12 -11.44 10.16 6.48
C PRO A 12 -12.62 10.22 5.53
N THR A 13 -12.56 11.13 4.56
CA THR A 13 -13.65 11.28 3.59
C THR A 13 -13.09 11.29 2.17
N PHE A 14 -13.85 10.70 1.26
CA PHE A 14 -13.70 10.97 -0.17
C PHE A 14 -15.04 10.75 -0.83
N LYS A 15 -15.58 11.82 -1.41
CA LYS A 15 -16.89 11.82 -2.07
C LYS A 15 -18.00 11.38 -1.12
N ALA A 16 -18.01 11.96 0.07
CA ALA A 16 -18.91 11.56 1.14
C ALA A 16 -20.03 12.59 1.36
N GLU A 17 -20.40 13.32 0.30
CA GLU A 17 -21.40 14.38 0.47
C GLU A 17 -22.74 13.83 0.91
N LYS A 18 -23.03 12.55 0.60
CA LYS A 18 -24.35 12.00 0.90
C LYS A 18 -24.56 11.83 2.40
N THR A 19 -23.49 11.58 3.16
CA THR A 19 -23.61 11.20 4.55
C THR A 19 -22.70 11.96 5.50
N VAL A 20 -21.72 12.71 5.01
CA VAL A 20 -20.74 13.32 5.91
C VAL A 20 -21.44 14.21 6.93
N GLY A 21 -22.58 14.80 6.56
CA GLY A 21 -23.27 15.68 7.48
C GLY A 21 -23.82 14.94 8.69
N GLN A 22 -24.51 13.82 8.44
CA GLN A 22 -25.00 12.99 9.53
C GLN A 22 -23.85 12.53 10.41
N CYS A 23 -22.74 12.12 9.81
CA CYS A 23 -21.57 11.70 10.55
C CYS A 23 -21.14 12.79 11.53
N LEU A 24 -20.91 14.00 11.02
CA LEU A 24 -20.46 15.08 11.89
C LEU A 24 -21.49 15.39 12.98
N GLU A 25 -22.77 15.34 12.63
CA GLU A 25 -23.82 15.62 13.61
C GLU A 25 -23.77 14.61 14.76
N SER A 26 -23.43 13.35 14.46
CA SER A 26 -23.36 12.33 15.50
C SER A 26 -22.21 12.59 16.46
N VAL A 27 -21.20 13.32 16.02
CA VAL A 27 -20.07 13.66 16.87
C VAL A 27 -20.32 14.95 17.63
N LEU A 28 -20.82 15.97 16.94
CA LEU A 28 -21.03 17.26 17.59
C LEU A 28 -22.13 17.22 18.65
N SER A 29 -23.03 16.24 18.57
CA SER A 29 -24.09 16.13 19.57
C SER A 29 -23.60 15.49 20.87
N GLN A 30 -22.39 14.93 20.88
CA GLN A 30 -21.89 14.22 22.05
C GLN A 30 -21.67 15.19 23.19
N GLN A 31 -22.34 14.97 24.31
CA GLN A 31 -22.21 15.84 25.47
C GLN A 31 -21.23 15.24 26.49
N GLY A 32 -20.67 16.11 27.32
CA GLY A 32 -19.85 15.66 28.43
C GLY A 32 -18.38 15.50 28.12
N VAL A 33 -17.94 15.85 26.92
CA VAL A 33 -16.53 15.78 26.56
C VAL A 33 -16.18 17.00 25.72
N SER A 34 -14.93 17.44 25.82
CA SER A 34 -14.36 18.35 24.84
C SER A 34 -13.85 17.51 23.67
N THR A 35 -14.28 17.86 22.45
CA THR A 35 -14.04 17.03 21.29
C THR A 35 -13.40 17.85 20.19
N GLU A 36 -12.38 17.26 19.57
CA GLU A 36 -11.75 17.77 18.37
C GLU A 36 -12.14 16.86 17.21
N ILE A 37 -12.41 17.44 16.05
CA ILE A 37 -12.71 16.66 14.85
C ILE A 37 -11.67 17.01 13.80
N ILE A 38 -11.10 15.99 13.18
CA ILE A 38 -10.16 16.15 12.07
C ILE A 38 -10.73 15.41 10.89
N VAL A 39 -11.19 16.16 9.89
CA VAL A 39 -11.65 15.58 8.63
C VAL A 39 -10.46 15.54 7.68
N VAL A 40 -10.12 14.34 7.22
CA VAL A 40 -9.01 14.13 6.29
C VAL A 40 -9.62 13.73 4.96
N ASP A 41 -9.80 14.72 4.08
CA ASP A 41 -10.46 14.54 2.79
C ASP A 41 -9.40 14.33 1.71
N GLY A 42 -9.68 13.40 0.81
CA GLY A 42 -8.71 12.99 -0.19
C GLY A 42 -8.80 13.81 -1.46
N GLY A 43 -9.47 14.94 -1.39
CA GLY A 43 -9.59 15.82 -2.55
C GLY A 43 -10.95 15.75 -3.22
N SER A 44 -12.01 15.71 -2.43
CA SER A 44 -13.32 15.38 -2.96
C SER A 44 -13.78 16.44 -3.97
N PRO A 45 -14.27 16.04 -5.15
CA PRO A 45 -14.82 17.01 -6.10
C PRO A 45 -16.26 17.41 -5.82
N ASP A 46 -16.92 16.78 -4.85
CA ASP A 46 -18.33 17.00 -4.65
C ASP A 46 -18.54 18.04 -3.54
N ALA A 47 -19.73 18.06 -2.94
CA ALA A 47 -20.06 19.03 -1.92
C ALA A 47 -19.57 18.63 -0.55
N THR A 48 -18.65 17.67 -0.45
CA THR A 48 -18.16 17.22 0.85
C THR A 48 -17.54 18.36 1.64
N ILE A 49 -16.56 19.05 1.05
CA ILE A 49 -15.86 20.12 1.77
C ILE A 49 -16.83 21.23 2.15
N SER A 50 -17.75 21.57 1.24
CA SER A 50 -18.77 22.57 1.56
C SER A 50 -19.58 22.15 2.78
N ILE A 51 -20.03 20.89 2.80
CA ILE A 51 -20.83 20.42 3.93
C ILE A 51 -20.03 20.52 5.22
N VAL A 52 -18.80 20.00 5.20
CA VAL A 52 -17.97 20.02 6.40
C VAL A 52 -17.79 21.45 6.90
N GLN A 53 -17.47 22.38 6.00
CA GLN A 53 -17.24 23.76 6.43
C GLN A 53 -18.52 24.43 6.94
N SER A 54 -19.70 23.99 6.50
CA SER A 54 -20.93 24.45 7.12
C SER A 54 -20.90 24.27 8.64
N PHE A 55 -20.04 23.39 9.13
CA PHE A 55 -19.83 23.17 10.57
C PHE A 55 -18.69 24.04 11.09
N SER A 56 -18.77 25.33 10.79
CA SER A 56 -17.66 26.24 11.03
C SER A 56 -17.27 26.33 12.49
N SER A 57 -16.24 25.59 12.88
CA SER A 57 -15.79 25.62 14.27
C SER A 57 -14.28 25.41 14.33
N THR A 58 -13.72 25.87 15.44
CA THR A 58 -12.29 25.78 15.68
C THR A 58 -11.83 24.39 16.11
N ASN A 59 -12.72 23.61 16.71
CA ASN A 59 -12.47 22.23 17.05
C ASN A 59 -12.66 21.30 15.86
N LEU A 60 -12.77 21.86 14.66
CA LEU A 60 -12.80 21.07 13.44
C LEU A 60 -11.62 21.49 12.58
N THR A 61 -10.76 20.54 12.24
CA THR A 61 -9.68 20.77 11.29
C THR A 61 -10.03 20.05 9.99
N ILE A 62 -9.89 20.75 8.87
CA ILE A 62 -10.11 20.16 7.55
C ILE A 62 -8.77 20.05 6.86
N ILE A 63 -8.39 18.82 6.54
CA ILE A 63 -7.30 18.52 5.62
C ILE A 63 -7.95 18.06 4.32
N SER A 64 -7.55 18.66 3.20
CA SER A 64 -8.03 18.20 1.90
C SER A 64 -6.86 18.16 0.93
N GLU A 65 -6.36 16.95 0.65
CA GLU A 65 -5.26 16.76 -0.29
C GLU A 65 -5.29 15.31 -0.74
N PRO A 66 -4.82 15.02 -1.95
CA PRO A 66 -4.66 13.62 -2.35
C PRO A 66 -3.89 12.84 -1.29
N ASP A 67 -4.27 11.58 -1.13
CA ASP A 67 -3.54 10.66 -0.28
C ASP A 67 -3.48 9.30 -0.94
N ARG A 68 -2.88 8.35 -0.26
CA ARG A 68 -2.66 7.02 -0.81
C ARG A 68 -3.70 5.99 -0.35
N GLY A 69 -4.82 6.44 0.18
CA GLY A 69 -5.91 5.59 0.58
C GLY A 69 -6.41 5.94 1.96
N ILE A 70 -7.36 5.13 2.42
CA ILE A 70 -8.04 5.44 3.67
C ILE A 70 -7.07 5.45 4.84
N TYR A 71 -6.17 4.46 4.91
CA TYR A 71 -5.29 4.39 6.08
C TYR A 71 -4.23 5.48 6.04
N ASP A 72 -3.85 5.95 4.85
CA ASP A 72 -2.98 7.12 4.77
C ASP A 72 -3.67 8.33 5.40
N ALA A 73 -4.94 8.55 5.06
CA ALA A 73 -5.71 9.65 5.63
C ALA A 73 -5.87 9.47 7.15
N ILE A 74 -6.15 8.24 7.58
CA ILE A 74 -6.27 7.98 9.01
C ILE A 74 -4.96 8.33 9.71
N ASN A 75 -3.84 7.92 9.12
CA ASN A 75 -2.54 8.19 9.73
C ASN A 75 -2.30 9.70 9.84
N LYS A 76 -2.70 10.47 8.83
CA LYS A 76 -2.54 11.92 8.90
C LYS A 76 -3.39 12.50 10.03
N GLY A 77 -4.62 11.99 10.19
CA GLY A 77 -5.48 12.49 11.24
C GLY A 77 -4.97 12.11 12.63
N VAL A 78 -4.55 10.85 12.78
CA VAL A 78 -4.03 10.42 14.07
C VAL A 78 -2.81 11.25 14.44
N SER A 79 -1.96 11.54 13.47
CA SER A 79 -0.75 12.30 13.77
C SER A 79 -1.07 13.72 14.22
N ARG A 80 -2.20 14.26 13.78
CA ARG A 80 -2.61 15.62 14.09
C ARG A 80 -3.50 15.70 15.33
N ALA A 81 -3.93 14.56 15.85
CA ALA A 81 -4.89 14.57 16.95
C ALA A 81 -4.27 15.15 18.23
N GLN A 82 -5.06 15.93 18.95
CA GLN A 82 -4.62 16.49 20.23
C GLN A 82 -5.52 16.06 21.38
N GLY A 83 -6.34 15.03 21.16
CA GLY A 83 -7.22 14.52 22.19
C GLY A 83 -6.59 13.35 22.91
N GLY A 84 -6.97 13.18 24.19
CA GLY A 84 -6.44 12.07 24.95
C GLY A 84 -6.77 10.72 24.34
N MET A 85 -7.99 10.58 23.82
CA MET A 85 -8.44 9.36 23.16
C MET A 85 -8.80 9.67 21.72
N ILE A 86 -8.39 8.81 20.80
CA ILE A 86 -8.56 9.03 19.37
C ILE A 86 -9.50 7.98 18.81
N GLY A 87 -10.57 8.42 18.16
CA GLY A 87 -11.44 7.52 17.45
C GLY A 87 -11.38 7.74 15.94
N VAL A 88 -11.77 6.75 15.17
CA VAL A 88 -11.84 6.85 13.71
C VAL A 88 -13.26 6.51 13.29
N LEU A 89 -13.90 7.43 12.58
CA LEU A 89 -15.28 7.27 12.16
C LEU A 89 -15.35 7.52 10.67
N GLY A 90 -15.97 6.60 9.93
CA GLY A 90 -16.20 6.81 8.53
C GLY A 90 -17.42 7.67 8.26
N ALA A 91 -17.43 8.29 7.09
CA ALA A 91 -18.45 9.29 6.78
C ALA A 91 -19.85 8.68 6.64
N ASP A 92 -19.95 7.36 6.49
CA ASP A 92 -21.22 6.65 6.42
C ASP A 92 -21.58 6.04 7.78
N ASP A 93 -20.80 6.31 8.81
CA ASP A 93 -21.02 5.78 10.14
C ASP A 93 -21.58 6.88 11.05
N VAL A 94 -22.07 6.49 12.21
CA VAL A 94 -22.49 7.44 13.23
C VAL A 94 -22.18 6.87 14.61
N TYR A 95 -21.74 7.75 15.51
CA TYR A 95 -21.68 7.41 16.92
C TYR A 95 -23.07 7.48 17.52
N LYS A 96 -23.36 6.59 18.48
CA LYS A 96 -24.60 6.64 19.23
C LYS A 96 -24.51 7.68 20.33
N PRO A 97 -25.66 8.09 20.89
CA PRO A 97 -25.62 9.05 22.01
C PRO A 97 -24.80 8.52 23.18
N ASN A 98 -24.01 9.42 23.77
CA ASN A 98 -23.31 9.27 25.04
C ASN A 98 -22.07 8.39 24.92
N VAL A 99 -21.69 8.00 23.70
CA VAL A 99 -20.55 7.13 23.54
C VAL A 99 -19.28 7.80 24.02
N LEU A 100 -19.11 9.09 23.70
CA LEU A 100 -17.84 9.73 24.01
C LEU A 100 -17.66 9.94 25.51
N SER A 101 -18.74 10.21 26.23
CA SER A 101 -18.62 10.30 27.68
C SER A 101 -18.30 8.93 28.29
N VAL A 102 -18.85 7.86 27.73
CA VAL A 102 -18.50 6.53 28.20
C VAL A 102 -17.03 6.27 27.98
N VAL A 103 -16.53 6.58 26.78
CA VAL A 103 -15.10 6.44 26.50
C VAL A 103 -14.28 7.19 27.54
N LYS A 104 -14.60 8.48 27.77
CA LYS A 104 -13.84 9.26 28.75
C LYS A 104 -13.90 8.62 30.13
N GLU A 105 -15.08 8.17 30.55
CA GLU A 105 -15.21 7.52 31.85
C GLU A 105 -14.24 6.35 31.97
N ASN A 106 -14.23 5.46 30.98
CA ASN A 106 -13.41 4.27 31.07
C ASN A 106 -11.92 4.59 30.91
N ALA A 107 -11.59 5.67 30.20
CA ALA A 107 -10.18 6.02 30.02
C ALA A 107 -9.58 6.65 31.27
N SER A 108 -10.39 7.38 32.04
CA SER A 108 -9.89 8.02 33.26
C SER A 108 -9.34 7.02 34.27
N ARG A 109 -9.46 5.72 34.02
CA ARG A 109 -8.96 4.70 34.93
C ARG A 109 -7.62 4.11 34.47
N GLY A 110 -7.03 4.63 33.40
CA GLY A 110 -5.72 4.18 32.95
C GLY A 110 -5.73 3.28 31.74
N VAL A 111 -6.90 2.75 31.35
CA VAL A 111 -6.97 1.90 30.17
C VAL A 111 -6.63 2.71 28.94
N GLU A 112 -5.87 2.09 28.03
CA GLU A 112 -5.37 2.79 26.85
C GLU A 112 -6.27 2.62 25.64
N ILE A 113 -7.05 1.54 25.57
CA ILE A 113 -8.01 1.33 24.49
C ILE A 113 -9.38 1.08 25.13
N VAL A 114 -10.39 1.78 24.62
CA VAL A 114 -11.79 1.54 24.94
C VAL A 114 -12.48 1.19 23.62
N ALA A 115 -13.11 0.02 23.57
CA ALA A 115 -13.84 -0.42 22.39
C ALA A 115 -15.26 -0.79 22.76
N GLY A 116 -16.17 -0.56 21.81
CA GLY A 116 -17.58 -0.85 21.98
C GLY A 116 -18.09 -1.84 20.93
N LEU A 117 -19.39 -2.03 20.97
CA LEU A 117 -20.03 -2.91 20.00
C LEU A 117 -20.32 -2.13 18.72
N THR A 118 -20.60 -2.88 17.65
CA THR A 118 -20.89 -2.29 16.36
C THR A 118 -22.18 -2.87 15.81
N LEU A 119 -23.05 -2.00 15.32
CA LEU A 119 -24.33 -2.39 14.74
C LEU A 119 -24.18 -2.29 13.23
N ILE A 120 -24.31 -3.42 12.54
CA ILE A 120 -24.16 -3.49 11.10
C ILE A 120 -25.45 -4.08 10.54
N ASP A 121 -26.20 -3.28 9.79
CA ASP A 121 -27.46 -3.73 9.18
C ASP A 121 -28.39 -4.31 10.25
N GLY A 122 -28.45 -3.64 11.40
CA GLY A 122 -29.33 -4.09 12.46
C GLY A 122 -28.87 -5.35 13.15
N GLN A 123 -27.60 -5.68 13.05
CA GLN A 123 -27.02 -6.81 13.75
C GLN A 123 -25.73 -6.43 14.45
N LEU A 124 -25.50 -7.03 15.61
CA LEU A 124 -24.25 -6.81 16.32
C LEU A 124 -23.10 -7.52 15.60
N ARG A 125 -22.01 -6.80 15.40
CA ARG A 125 -20.81 -7.44 14.88
C ARG A 125 -20.42 -8.58 15.81
N ALA A 126 -20.02 -9.72 15.21
CA ALA A 126 -19.63 -10.91 15.97
C ALA A 126 -18.21 -10.71 16.49
N ASP A 127 -18.11 -9.91 17.56
CA ASP A 127 -16.81 -9.54 18.07
C ASP A 127 -16.14 -10.71 18.79
N GLU A 128 -14.83 -10.61 18.92
CA GLU A 128 -14.03 -11.55 19.69
C GLU A 128 -13.27 -10.80 20.78
N GLN A 129 -12.76 -11.56 21.74
CA GLN A 129 -12.03 -10.94 22.83
C GLN A 129 -10.69 -10.38 22.37
N TYR A 130 -10.30 -9.26 22.98
CA TYR A 130 -8.98 -8.65 22.82
C TYR A 130 -8.03 -9.48 23.69
N ARG A 131 -7.29 -10.39 23.07
CA ARG A 131 -6.48 -11.38 23.74
C ARG A 131 -5.64 -12.12 22.68
N PRO A 132 -4.68 -12.96 23.07
CA PRO A 132 -3.85 -13.64 22.06
C PRO A 132 -4.63 -14.38 21.00
N ALA A 133 -5.83 -14.89 21.32
CA ALA A 133 -6.63 -15.62 20.34
C ALA A 133 -7.00 -14.74 19.16
N ALA A 134 -7.04 -13.42 19.35
CA ALA A 134 -7.32 -12.53 18.23
C ALA A 134 -6.24 -12.60 17.16
N LEU A 135 -5.03 -13.02 17.53
CA LEU A 135 -3.89 -12.96 16.61
C LEU A 135 -3.96 -14.01 15.52
N ILE A 136 -4.85 -14.99 15.64
CA ILE A 136 -5.12 -15.93 14.57
C ILE A 136 -6.47 -15.64 13.92
N SER A 137 -6.94 -14.40 14.05
CA SER A 137 -8.23 -14.01 13.51
C SER A 137 -8.08 -12.61 12.90
N GLY A 138 -9.21 -11.95 12.70
CA GLY A 138 -9.21 -10.57 12.24
C GLY A 138 -9.24 -9.59 13.40
N ILE A 139 -9.68 -8.37 13.12
CA ILE A 139 -9.79 -7.37 14.17
C ILE A 139 -10.89 -7.81 15.16
N PRO A 140 -10.62 -7.80 16.47
CA PRO A 140 -11.61 -8.40 17.40
C PRO A 140 -12.84 -7.55 17.65
N PHE A 141 -12.81 -6.26 17.33
CA PHE A 141 -13.98 -5.40 17.44
C PHE A 141 -14.00 -4.53 16.19
N GLY A 142 -15.14 -3.93 15.90
CA GLY A 142 -15.20 -3.01 14.78
C GLY A 142 -14.22 -1.86 14.98
N HIS A 143 -13.54 -1.48 13.90
CA HIS A 143 -12.49 -0.49 14.05
C HIS A 143 -13.05 0.86 14.47
N ASN A 144 -14.23 1.21 13.94
CA ASN A 144 -14.83 2.48 14.24
C ASN A 144 -15.42 2.54 15.64
N ALA A 145 -15.59 1.40 16.30
CA ALA A 145 -15.99 1.35 17.70
C ALA A 145 -14.80 1.43 18.64
N MET A 146 -13.59 1.59 18.12
CA MET A 146 -12.37 1.60 18.92
C MET A 146 -11.88 3.02 19.17
N PHE A 147 -11.46 3.26 20.41
CA PHE A 147 -10.80 4.49 20.83
C PHE A 147 -9.46 4.12 21.44
N ALA A 148 -8.40 4.79 20.99
CA ALA A 148 -7.06 4.52 21.47
C ALA A 148 -6.42 5.80 21.97
N SER A 149 -5.67 5.69 23.07
CA SER A 149 -5.06 6.87 23.64
C SER A 149 -3.88 7.34 22.78
N GLN A 150 -3.45 8.57 23.07
CA GLN A 150 -2.22 9.09 22.48
C GLN A 150 -1.06 8.15 22.78
N GLU A 151 -0.95 7.68 24.03
CA GLU A 151 0.18 6.83 24.37
C GLU A 151 0.11 5.51 23.60
N ALA A 152 -1.07 4.95 23.43
CA ALA A 152 -1.19 3.71 22.66
C ALA A 152 -0.65 3.90 21.24
N TYR A 153 -1.06 4.98 20.57
CA TYR A 153 -0.57 5.23 19.22
C TYR A 153 0.93 5.50 19.22
N ARG A 154 1.42 6.24 20.20
CA ARG A 154 2.86 6.50 20.29
C ARG A 154 3.63 5.19 20.43
N LYS A 155 3.10 4.25 21.23
CA LYS A 155 3.79 2.99 21.48
C LYS A 155 3.66 2.04 20.29
N VAL A 156 2.46 1.96 19.71
CA VAL A 156 2.22 0.95 18.68
C VAL A 156 2.67 1.44 17.31
N GLY A 157 2.52 2.73 17.05
CA GLY A 157 2.83 3.26 15.73
C GLY A 157 1.58 3.55 14.92
N LEU A 158 1.79 3.75 13.61
CA LEU A 158 0.70 4.09 12.71
C LEU A 158 0.25 2.87 11.92
N TYR A 159 -0.74 3.06 11.07
CA TYR A 159 -1.28 1.96 10.29
C TYR A 159 -0.42 1.66 9.08
N ASP A 160 -0.32 0.37 8.75
CA ASP A 160 0.59 -0.14 7.73
C ASP A 160 -0.12 -0.06 6.38
N LEU A 161 0.34 0.84 5.53
CA LEU A 161 -0.34 1.09 4.26
C LEU A 161 -0.28 -0.11 3.33
N ALA A 162 0.56 -1.12 3.62
CA ALA A 162 0.60 -2.30 2.77
C ALA A 162 -0.73 -3.05 2.80
N TYR A 163 -1.51 -2.87 3.86
CA TYR A 163 -2.78 -3.55 4.09
C TYR A 163 -3.89 -2.52 3.83
N ARG A 164 -4.33 -2.44 2.58
CA ARG A 164 -5.33 -1.45 2.21
C ARG A 164 -6.70 -1.72 2.82
N ILE A 165 -6.93 -2.94 3.31
CA ILE A 165 -8.19 -3.32 3.93
C ILE A 165 -8.03 -3.57 5.42
N CYS A 166 -7.05 -4.39 5.80
CA CYS A 166 -6.97 -4.91 7.16
C CYS A 166 -5.83 -4.31 7.96
N ALA A 167 -5.39 -3.10 7.61
CA ALA A 167 -4.40 -2.41 8.42
C ALA A 167 -4.89 -2.21 9.84
N ASP A 168 -6.20 -2.06 10.04
CA ASP A 168 -6.67 -1.84 11.41
C ASP A 168 -6.51 -3.11 12.24
N ALA A 169 -6.83 -4.27 11.68
CA ALA A 169 -6.55 -5.53 12.37
C ALA A 169 -5.08 -5.65 12.72
N GLU A 170 -4.20 -5.38 11.75
CA GLU A 170 -2.76 -5.49 12.00
C GLU A 170 -2.32 -4.56 13.12
N TRP A 171 -2.91 -3.35 13.17
CA TRP A 171 -2.64 -2.43 14.27
C TRP A 171 -3.11 -2.98 15.61
N VAL A 172 -4.33 -3.51 15.67
CA VAL A 172 -4.82 -4.04 16.94
C VAL A 172 -4.01 -5.24 17.38
N HIS A 173 -3.56 -6.08 16.44
CA HIS A 173 -2.70 -7.20 16.82
C HIS A 173 -1.38 -6.71 17.41
N ARG A 174 -0.79 -5.68 16.81
CA ARG A 174 0.40 -5.05 17.38
C ARG A 174 0.09 -4.52 18.78
N ALA A 175 -1.10 -3.94 18.98
CA ALA A 175 -1.48 -3.49 20.31
C ALA A 175 -1.48 -4.66 21.30
N ILE A 176 -2.14 -5.76 20.92
CA ILE A 176 -2.18 -6.95 21.77
C ILE A 176 -0.76 -7.41 22.11
N LYS A 177 0.11 -7.47 21.08
CA LYS A 177 1.47 -7.97 21.32
C LYS A 177 2.28 -6.96 22.13
N SER A 178 1.91 -5.68 22.09
CA SER A 178 2.58 -4.68 22.91
C SER A 178 1.98 -4.58 24.30
N ASP A 179 1.04 -5.45 24.65
CA ASP A 179 0.42 -5.48 25.97
C ASP A 179 -0.34 -4.19 26.27
N ILE A 180 -0.96 -3.62 25.25
CA ILE A 180 -1.78 -2.43 25.44
C ILE A 180 -3.08 -2.84 26.12
N SER A 181 -3.41 -2.16 27.22
CA SER A 181 -4.62 -2.46 27.97
C SER A 181 -5.86 -2.04 27.19
N CYS A 182 -6.91 -2.87 27.27
CA CYS A 182 -8.15 -2.68 26.54
C CYS A 182 -9.33 -2.94 27.48
N ARG A 183 -10.38 -2.14 27.32
CA ARG A 183 -11.63 -2.30 28.04
C ARG A 183 -12.73 -2.39 27.00
N LYS A 184 -13.43 -3.52 26.95
CA LYS A 184 -14.55 -3.71 26.05
C LYS A 184 -15.85 -3.32 26.75
N VAL A 185 -16.60 -2.42 26.13
CA VAL A 185 -17.87 -1.93 26.68
C VAL A 185 -19.00 -2.54 25.87
N GLU A 186 -19.92 -3.21 26.57
CA GLU A 186 -21.01 -3.95 25.94
C GLU A 186 -22.17 -3.01 25.62
N GLN A 187 -21.84 -1.99 24.83
CA GLN A 187 -22.80 -1.03 24.33
C GLN A 187 -22.47 -0.71 22.89
N VAL A 188 -23.49 -0.50 22.07
CA VAL A 188 -23.27 -0.09 20.69
C VAL A 188 -22.67 1.31 20.69
N PHE A 189 -21.46 1.42 20.15
CA PHE A 189 -20.79 2.71 19.97
C PHE A 189 -21.06 3.30 18.60
N VAL A 190 -21.16 2.48 17.56
CA VAL A 190 -21.24 2.97 16.19
C VAL A 190 -22.23 2.12 15.40
N GLU A 191 -22.93 2.78 14.48
CA GLU A 191 -23.86 2.11 13.58
C GLU A 191 -23.45 2.43 12.15
N PHE A 192 -23.68 1.46 11.27
CA PHE A 192 -23.65 1.75 9.83
C PHE A 192 -24.25 0.74 8.88
N THR A 200 -15.35 -4.27 -2.36
CA THR A 200 -14.13 -4.95 -1.96
C THR A 200 -14.25 -6.45 -2.21
N ASN A 201 -13.30 -6.99 -2.97
CA ASN A 201 -13.34 -8.41 -3.31
C ASN A 201 -13.15 -9.25 -2.04
N PRO A 202 -13.99 -10.27 -1.81
CA PRO A 202 -13.76 -11.13 -0.63
C PRO A 202 -12.44 -11.87 -0.67
N GLU A 203 -12.01 -12.32 -1.85
CA GLU A 203 -10.70 -12.96 -1.95
C GLU A 203 -9.61 -12.05 -1.44
N GLU A 204 -9.73 -10.75 -1.73
CA GLU A 204 -8.72 -9.78 -1.28
C GLU A 204 -8.76 -9.62 0.23
N ILE A 205 -9.95 -9.59 0.82
CA ILE A 205 -10.05 -9.41 2.27
C ILE A 205 -9.42 -10.60 2.99
N ILE A 206 -9.70 -11.81 2.50
CA ILE A 206 -9.16 -13.01 3.12
C ILE A 206 -7.65 -13.05 2.96
N ALA A 207 -7.16 -12.69 1.77
CA ALA A 207 -5.72 -12.69 1.55
C ALA A 207 -5.03 -11.75 2.52
N GLU A 208 -5.59 -10.56 2.74
CA GLU A 208 -4.96 -9.64 3.68
C GLU A 208 -5.06 -10.17 5.11
N ALA A 209 -6.19 -10.78 5.45
CA ALA A 209 -6.37 -11.29 6.82
C ALA A 209 -5.38 -12.41 7.11
N CYS A 210 -5.11 -13.28 6.13
CA CYS A 210 -4.13 -14.33 6.34
C CYS A 210 -2.73 -13.74 6.47
N SER A 211 -2.42 -12.73 5.66
CA SER A 211 -1.12 -12.09 5.72
C SER A 211 -0.88 -11.44 7.07
N VAL A 212 -1.90 -10.78 7.61
CA VAL A 212 -1.77 -10.15 8.92
C VAL A 212 -1.45 -11.19 9.98
N ILE A 213 -2.08 -12.36 9.89
CA ILE A 213 -1.87 -13.43 10.86
C ILE A 213 -0.46 -14.00 10.72
N GLN A 214 0.02 -14.11 9.48
CA GLN A 214 1.40 -14.51 9.26
C GLN A 214 2.37 -13.49 9.83
N ARG A 215 1.97 -12.21 9.88
CA ARG A 215 2.87 -11.24 10.50
C ARG A 215 2.98 -11.47 12.00
N ASN A 216 1.96 -12.05 12.62
CA ASN A 216 2.12 -12.47 14.00
C ASN A 216 2.94 -13.76 14.09
N PHE A 217 2.68 -14.73 13.21
CA PHE A 217 3.25 -16.07 13.29
C PHE A 217 3.84 -16.40 11.92
N PRO A 218 5.08 -15.94 11.67
CA PRO A 218 5.65 -16.07 10.32
C PRO A 218 6.02 -17.48 9.92
N PHE A 219 5.96 -18.43 10.84
CA PHE A 219 6.14 -19.83 10.51
C PHE A 219 4.94 -20.42 9.80
N LEU A 220 3.84 -19.69 9.73
CA LEU A 220 2.62 -20.19 9.13
C LEU A 220 2.66 -20.04 7.62
N LEU A 221 2.35 -21.13 6.91
CA LEU A 221 1.98 -21.03 5.52
C LEU A 221 0.65 -20.29 5.40
N LYS A 222 0.43 -19.68 4.23
CA LYS A 222 -0.83 -18.97 3.99
C LYS A 222 -2.03 -19.86 4.27
N GLU A 223 -1.98 -21.13 3.82
CA GLU A 223 -3.13 -22.02 4.00
C GLU A 223 -3.35 -22.37 5.47
N GLU A 224 -2.28 -22.37 6.27
CA GLU A 224 -2.43 -22.65 7.70
C GLU A 224 -3.01 -21.46 8.43
N ALA A 225 -2.63 -20.24 8.03
CA ALA A 225 -3.28 -19.06 8.58
C ALA A 225 -4.76 -19.03 8.23
N LYS A 226 -5.09 -19.38 6.99
CA LYS A 226 -6.50 -19.41 6.57
C LYS A 226 -7.28 -20.46 7.37
N TYR A 227 -6.67 -21.61 7.62
CA TYR A 227 -7.34 -22.64 8.39
C TYR A 227 -7.66 -22.14 9.79
N LEU A 228 -6.69 -21.51 10.44
CA LEU A 228 -6.89 -20.96 11.77
C LEU A 228 -7.94 -19.86 11.77
N LEU A 229 -7.88 -18.96 10.79
CA LEU A 229 -8.87 -17.89 10.73
C LEU A 229 -10.27 -18.45 10.58
N TYR A 230 -10.49 -19.30 9.56
CA TYR A 230 -11.80 -19.89 9.35
C TYR A 230 -12.23 -20.66 10.59
N GLY A 231 -11.29 -21.33 11.26
CA GLY A 231 -11.65 -22.16 12.38
C GLY A 231 -12.11 -21.34 13.58
N VAL A 232 -11.39 -20.24 13.86
CA VAL A 232 -11.79 -19.38 14.96
C VAL A 232 -13.09 -18.66 14.64
N ARG A 233 -13.26 -18.24 13.39
CA ARG A 233 -14.46 -17.53 13.00
C ARG A 233 -15.66 -18.43 12.85
N GLY A 234 -15.49 -19.75 12.95
CA GLY A 234 -16.60 -20.65 12.76
C GLY A 234 -16.98 -20.88 11.31
N TRP A 235 -16.08 -20.59 10.38
CA TRP A 235 -16.35 -20.79 8.96
C TRP A 235 -15.92 -22.16 8.47
N GLY A 236 -14.93 -22.78 9.11
CA GLY A 236 -14.38 -24.03 8.63
C GLY A 236 -14.19 -25.01 9.77
N GLU A 237 -13.89 -26.25 9.40
CA GLU A 237 -13.69 -27.32 10.37
C GLU A 237 -12.43 -27.06 11.19
N THR A 238 -12.32 -27.81 12.30
CA THR A 238 -11.23 -27.60 13.25
C THR A 238 -10.56 -28.91 13.66
N SER A 239 -10.72 -29.96 12.87
CA SER A 239 -10.13 -31.25 13.23
C SER A 239 -8.62 -31.29 13.05
N ARG A 240 -8.05 -30.35 12.30
CA ARG A 240 -6.62 -30.29 12.06
C ARG A 240 -5.88 -29.43 13.08
N ILE A 241 -6.60 -28.79 14.00
CA ILE A 241 -5.98 -27.83 14.92
C ILE A 241 -4.88 -28.49 15.73
N GLU A 242 -5.10 -29.74 16.13
CA GLU A 242 -4.11 -30.44 16.96
C GLU A 242 -2.84 -30.76 16.16
N GLN A 243 -2.97 -30.99 14.85
CA GLN A 243 -1.79 -31.18 14.01
C GLN A 243 -1.00 -29.89 13.89
N ILE A 244 -1.69 -28.76 13.73
CA ILE A 244 -1.00 -27.47 13.62
C ILE A 244 -0.28 -27.16 14.92
N LEU A 245 -0.91 -27.47 16.05
CA LEU A 245 -0.31 -27.19 17.35
C LEU A 245 0.94 -28.05 17.56
N ARG A 246 0.88 -29.31 17.16
CA ARG A 246 2.04 -30.17 17.33
C ARG A 246 3.14 -29.81 16.34
N LYS A 247 2.76 -29.24 15.20
CA LYS A 247 3.74 -28.85 14.20
C LYS A 247 4.51 -27.62 14.64
N TYR A 248 3.83 -26.65 15.25
CA TYR A 248 4.41 -25.34 15.51
C TYR A 248 4.45 -24.94 16.97
N GLY A 249 3.97 -25.78 17.88
CA GLY A 249 3.88 -25.37 19.27
C GLY A 249 5.23 -24.96 19.84
N HIS A 250 6.29 -25.61 19.38
CA HIS A 250 7.63 -25.27 19.84
C HIS A 250 8.03 -23.85 19.44
N GLU A 251 7.36 -23.27 18.46
CA GLU A 251 7.83 -21.99 17.90
C GLU A 251 7.60 -20.83 18.85
N SER A 252 6.49 -20.83 19.60
CA SER A 252 6.11 -19.65 20.36
C SER A 252 5.04 -20.04 21.37
N VAL A 253 5.27 -19.66 22.63
CA VAL A 253 4.22 -19.84 23.63
C VAL A 253 3.01 -18.98 23.29
N LEU A 254 3.24 -17.79 22.74
CA LEU A 254 2.12 -16.94 22.34
C LEU A 254 1.23 -17.65 21.32
N PHE A 255 1.83 -18.43 20.42
CA PHE A 255 1.01 -19.17 19.46
C PHE A 255 0.22 -20.27 20.16
N VAL A 256 0.83 -20.95 21.14
CA VAL A 256 0.12 -21.98 21.88
C VAL A 256 -1.03 -21.36 22.64
N THR A 257 -0.78 -20.24 23.31
CA THR A 257 -1.83 -19.54 24.06
C THR A 257 -2.98 -19.14 23.15
N ALA A 258 -2.68 -18.65 21.95
CA ALA A 258 -3.73 -18.23 21.03
C ALA A 258 -4.63 -19.40 20.66
N LEU A 259 -4.03 -20.53 20.32
CA LEU A 259 -4.82 -21.68 19.88
C LEU A 259 -5.64 -22.26 21.03
N GLN A 260 -5.07 -22.32 22.23
CA GLN A 260 -5.83 -22.91 23.34
C GLN A 260 -6.89 -21.98 23.90
N GLU A 261 -6.71 -20.66 23.73
CA GLU A 261 -7.80 -19.73 24.02
C GLU A 261 -8.89 -19.85 22.98
N ALA A 262 -8.51 -19.93 21.70
CA ALA A 262 -9.50 -19.95 20.63
C ALA A 262 -10.18 -21.31 20.50
N PHE A 263 -9.48 -22.39 20.83
CA PHE A 263 -9.98 -23.75 20.64
C PHE A 263 -9.91 -24.50 21.96
N PRO A 264 -10.73 -24.12 22.95
CA PRO A 264 -10.57 -24.69 24.29
C PRO A 264 -10.77 -26.19 24.35
N ALA A 265 -11.45 -26.79 23.36
CA ALA A 265 -11.60 -28.24 23.36
C ALA A 265 -10.27 -28.95 23.10
N VAL A 266 -9.34 -28.27 22.44
CA VAL A 266 -8.05 -28.88 22.10
C VAL A 266 -7.09 -28.73 23.27
N GLU A 267 -6.23 -29.72 23.43
CA GLU A 267 -5.13 -29.63 24.39
C GLU A 267 -4.12 -30.72 24.05
N GLU B 4 32.67 -8.55 -5.76
CA GLU B 4 31.60 -7.69 -6.26
C GLU B 4 30.84 -8.40 -7.37
N PHE B 5 29.64 -7.91 -7.66
CA PHE B 5 28.85 -8.33 -8.80
C PHE B 5 28.60 -7.11 -9.68
N ASP B 6 28.57 -7.35 -10.99
CA ASP B 6 28.14 -6.30 -11.90
C ASP B 6 26.66 -6.02 -11.72
N ILE B 7 25.89 -7.07 -11.50
CA ILE B 7 24.44 -7.02 -11.57
C ILE B 7 23.87 -7.80 -10.38
N THR B 8 22.80 -7.28 -9.79
CA THR B 8 21.93 -8.05 -8.92
C THR B 8 20.55 -8.10 -9.58
N VAL B 9 19.97 -9.29 -9.66
CA VAL B 9 18.60 -9.46 -10.14
C VAL B 9 17.77 -9.91 -8.94
N VAL B 10 16.75 -9.14 -8.60
CA VAL B 10 15.80 -9.51 -7.55
C VAL B 10 14.60 -10.18 -8.21
N ILE B 11 14.26 -11.38 -7.75
CA ILE B 11 13.13 -12.14 -8.30
C ILE B 11 12.14 -12.38 -7.17
N PRO B 12 11.07 -11.60 -7.09
CA PRO B 12 10.02 -11.88 -6.11
C PRO B 12 9.17 -13.07 -6.56
N THR B 13 8.95 -14.02 -5.67
CA THR B 13 8.16 -15.19 -6.05
C THR B 13 7.14 -15.57 -4.99
N PHE B 14 5.94 -15.91 -5.46
CA PHE B 14 4.98 -16.65 -4.67
C PHE B 14 4.21 -17.55 -5.61
N LYS B 15 4.32 -18.86 -5.39
CA LYS B 15 3.70 -19.85 -6.27
C LYS B 15 4.06 -19.59 -7.73
N ALA B 16 5.36 -19.64 -8.00
CA ALA B 16 5.88 -19.42 -9.34
C ALA B 16 6.38 -20.70 -9.99
N GLU B 17 5.88 -21.85 -9.55
CA GLU B 17 6.50 -23.13 -9.91
C GLU B 17 6.56 -23.33 -11.42
N LYS B 18 5.59 -22.80 -12.16
CA LYS B 18 5.61 -23.07 -13.59
C LYS B 18 6.81 -22.43 -14.25
N THR B 19 7.01 -21.12 -14.05
CA THR B 19 7.89 -20.35 -14.90
C THR B 19 9.19 -19.93 -14.24
N VAL B 20 9.31 -20.03 -12.91
CA VAL B 20 10.52 -19.59 -12.23
C VAL B 20 11.76 -20.22 -12.86
N GLY B 21 11.64 -21.45 -13.35
CA GLY B 21 12.78 -22.10 -13.96
C GLY B 21 13.27 -21.39 -15.20
N GLN B 22 12.36 -21.11 -16.14
CA GLN B 22 12.78 -20.39 -17.34
C GLN B 22 13.19 -18.97 -17.00
N CYS B 23 12.57 -18.36 -15.99
CA CYS B 23 13.02 -17.04 -15.53
C CYS B 23 14.47 -17.10 -15.10
N LEU B 24 14.82 -18.07 -14.25
CA LEU B 24 16.19 -18.22 -13.79
C LEU B 24 17.14 -18.57 -14.94
N GLU B 25 16.70 -19.42 -15.86
CA GLU B 25 17.56 -19.77 -16.99
C GLU B 25 17.92 -18.52 -17.80
N SER B 26 16.98 -17.59 -17.94
CA SER B 26 17.26 -16.38 -18.71
C SER B 26 18.28 -15.48 -18.03
N VAL B 27 18.45 -15.61 -16.71
CA VAL B 27 19.43 -14.79 -16.01
C VAL B 27 20.80 -15.47 -15.98
N LEU B 28 20.82 -16.77 -15.74
CA LEU B 28 22.09 -17.49 -15.61
C LEU B 28 22.79 -17.70 -16.94
N SER B 29 22.06 -17.59 -18.05
CA SER B 29 22.66 -17.66 -19.37
C SER B 29 23.26 -16.34 -19.81
N GLN B 30 23.10 -15.27 -19.03
CA GLN B 30 23.70 -13.99 -19.42
C GLN B 30 25.21 -14.10 -19.30
N GLN B 31 25.92 -13.73 -20.35
CA GLN B 31 27.38 -13.78 -20.34
C GLN B 31 27.94 -12.35 -20.24
N GLY B 32 29.23 -12.27 -19.94
CA GLY B 32 29.92 -11.00 -19.89
C GLY B 32 29.76 -10.23 -18.59
N VAL B 33 29.07 -10.78 -17.60
CA VAL B 33 28.82 -10.08 -16.35
C VAL B 33 28.86 -11.07 -15.18
N SER B 34 29.29 -10.58 -14.03
CA SER B 34 29.12 -11.31 -12.78
C SER B 34 27.77 -10.90 -12.18
N THR B 35 26.88 -11.88 -11.98
CA THR B 35 25.51 -11.62 -11.57
C THR B 35 25.23 -12.32 -10.25
N GLU B 36 24.56 -11.58 -9.34
CA GLU B 36 23.95 -12.11 -8.13
C GLU B 36 22.45 -12.18 -8.34
N ILE B 37 21.82 -13.28 -7.92
CA ILE B 37 20.38 -13.42 -8.01
C ILE B 37 19.85 -13.55 -6.59
N ILE B 38 18.86 -12.76 -6.25
CA ILE B 38 18.19 -12.83 -4.96
C ILE B 38 16.73 -13.15 -5.23
N VAL B 39 16.34 -14.38 -4.94
CA VAL B 39 14.95 -14.79 -5.02
C VAL B 39 14.32 -14.49 -3.67
N VAL B 40 13.29 -13.64 -3.67
CA VAL B 40 12.56 -13.30 -2.46
C VAL B 40 11.20 -13.97 -2.55
N ASP B 41 11.04 -15.11 -1.87
CA ASP B 41 9.84 -15.93 -1.92
C ASP B 41 8.97 -15.67 -0.70
N GLY B 42 7.67 -15.56 -0.91
CA GLY B 42 6.75 -15.21 0.16
C GLY B 42 6.20 -16.40 0.89
N GLY B 43 6.91 -17.53 0.84
CA GLY B 43 6.49 -18.73 1.53
C GLY B 43 5.72 -19.73 0.70
N SER B 44 6.19 -19.99 -0.50
CA SER B 44 5.42 -20.80 -1.46
C SER B 44 5.26 -22.23 -0.96
N PRO B 45 4.04 -22.78 -0.97
CA PRO B 45 3.87 -24.23 -0.71
C PRO B 45 4.20 -25.12 -1.90
N ASP B 46 4.35 -24.57 -3.11
CA ASP B 46 4.50 -25.42 -4.29
C ASP B 46 5.95 -25.81 -4.51
N ALA B 47 6.33 -26.11 -5.76
CA ALA B 47 7.69 -26.52 -6.07
C ALA B 47 8.61 -25.34 -6.35
N THR B 48 8.16 -24.12 -6.08
CA THR B 48 8.98 -22.94 -6.37
C THR B 48 10.37 -23.10 -5.78
N ILE B 49 10.46 -23.44 -4.50
CA ILE B 49 11.78 -23.49 -3.86
C ILE B 49 12.60 -24.64 -4.41
N SER B 50 11.96 -25.79 -4.64
CA SER B 50 12.65 -26.93 -5.27
C SER B 50 13.29 -26.51 -6.59
N ILE B 51 12.54 -25.82 -7.44
CA ILE B 51 13.07 -25.43 -8.75
C ILE B 51 14.24 -24.47 -8.56
N VAL B 52 14.04 -23.40 -7.77
CA VAL B 52 15.13 -22.47 -7.51
C VAL B 52 16.36 -23.22 -7.00
N GLN B 53 16.15 -24.12 -6.04
CA GLN B 53 17.25 -24.88 -5.47
C GLN B 53 17.97 -25.71 -6.53
N SER B 54 17.28 -26.13 -7.59
CA SER B 54 17.93 -26.94 -8.61
C SER B 54 19.00 -26.15 -9.35
N PHE B 55 18.90 -24.82 -9.37
CA PHE B 55 19.92 -23.96 -9.97
C PHE B 55 20.95 -23.47 -8.95
N SER B 56 21.24 -24.25 -7.91
CA SER B 56 21.96 -23.70 -6.77
C SER B 56 23.39 -23.31 -7.16
N SER B 57 23.80 -22.13 -6.70
CA SER B 57 25.16 -21.66 -6.94
C SER B 57 25.57 -20.69 -5.84
N THR B 58 26.88 -20.38 -5.81
CA THR B 58 27.38 -19.34 -4.92
C THR B 58 26.80 -17.96 -5.23
N ASN B 59 26.13 -17.82 -6.37
CA ASN B 59 25.61 -16.54 -6.82
C ASN B 59 24.11 -16.39 -6.63
N LEU B 60 23.43 -17.40 -6.13
CA LEU B 60 21.99 -17.36 -5.96
C LEU B 60 21.65 -17.44 -4.48
N THR B 61 20.79 -16.53 -4.01
CA THR B 61 20.26 -16.52 -2.66
C THR B 61 18.76 -16.74 -2.72
N ILE B 62 18.23 -17.51 -1.78
CA ILE B 62 16.79 -17.71 -1.64
C ILE B 62 16.38 -17.24 -0.26
N ILE B 63 15.41 -16.34 -0.22
CA ILE B 63 14.71 -15.92 0.99
C ILE B 63 13.29 -16.45 0.88
N SER B 64 12.83 -17.18 1.89
CA SER B 64 11.45 -17.64 1.88
C SER B 64 10.80 -17.35 3.23
N GLU B 65 9.86 -16.39 3.24
CA GLU B 65 9.16 -15.99 4.44
C GLU B 65 7.92 -15.20 4.04
N PRO B 66 6.86 -15.26 4.83
CA PRO B 66 5.72 -14.37 4.57
C PRO B 66 6.16 -12.93 4.39
N ASP B 67 5.51 -12.22 3.49
CA ASP B 67 5.73 -10.79 3.33
C ASP B 67 4.41 -10.12 2.98
N ARG B 68 4.45 -8.80 2.84
CA ARG B 68 3.24 -8.02 2.64
C ARG B 68 2.93 -7.78 1.17
N GLY B 69 3.60 -8.49 0.27
CA GLY B 69 3.30 -8.35 -1.15
C GLY B 69 4.52 -8.29 -2.03
N ILE B 70 4.29 -8.15 -3.34
CA ILE B 70 5.38 -8.13 -4.31
C ILE B 70 6.36 -7.01 -4.01
N TYR B 71 5.85 -5.82 -3.70
CA TYR B 71 6.77 -4.70 -3.50
C TYR B 71 7.52 -4.81 -2.18
N ASP B 72 6.90 -5.39 -1.16
CA ASP B 72 7.63 -5.74 0.07
C ASP B 72 8.78 -6.69 -0.23
N ALA B 73 8.51 -7.75 -1.01
CA ALA B 73 9.58 -8.69 -1.38
C ALA B 73 10.65 -7.99 -2.20
N ILE B 74 10.23 -7.14 -3.16
CA ILE B 74 11.20 -6.40 -3.96
C ILE B 74 12.07 -5.52 -3.06
N ASN B 75 11.45 -4.82 -2.11
CA ASN B 75 12.23 -3.99 -1.20
C ASN B 75 13.25 -4.83 -0.45
N LYS B 76 12.88 -6.04 -0.02
CA LYS B 76 13.82 -6.89 0.71
C LYS B 76 14.98 -7.30 -0.17
N GLY B 77 14.72 -7.61 -1.44
CA GLY B 77 15.80 -7.99 -2.34
C GLY B 77 16.72 -6.83 -2.64
N VAL B 78 16.14 -5.68 -3.00
CA VAL B 78 16.96 -4.50 -3.33
C VAL B 78 17.84 -4.13 -2.15
N SER B 79 17.30 -4.18 -0.95
CA SER B 79 18.06 -3.76 0.22
C SER B 79 19.26 -4.66 0.47
N ARG B 80 19.19 -5.91 0.05
CA ARG B 80 20.29 -6.85 0.21
C ARG B 80 21.24 -6.88 -0.98
N ALA B 81 20.86 -6.26 -2.10
CA ALA B 81 21.62 -6.38 -3.32
C ALA B 81 23.04 -5.86 -3.13
N GLN B 82 24.00 -6.57 -3.71
CA GLN B 82 25.39 -6.17 -3.69
C GLN B 82 25.92 -5.75 -5.06
N GLY B 83 25.13 -5.93 -6.12
CA GLY B 83 25.59 -5.59 -7.45
C GLY B 83 25.60 -4.10 -7.71
N GLY B 84 26.41 -3.71 -8.70
CA GLY B 84 26.46 -2.31 -9.08
C GLY B 84 25.14 -1.80 -9.64
N MET B 85 24.48 -2.62 -10.46
CA MET B 85 23.18 -2.31 -11.04
C MET B 85 22.19 -3.37 -10.58
N ILE B 86 20.97 -2.93 -10.26
CA ILE B 86 19.97 -3.83 -9.69
C ILE B 86 18.78 -3.92 -10.62
N GLY B 87 18.41 -5.14 -10.98
CA GLY B 87 17.23 -5.35 -11.80
C GLY B 87 16.14 -6.11 -11.06
N VAL B 88 14.89 -5.98 -11.48
CA VAL B 88 13.77 -6.71 -10.90
C VAL B 88 13.08 -7.47 -12.01
N LEU B 89 12.95 -8.78 -11.83
CA LEU B 89 12.41 -9.65 -12.86
C LEU B 89 11.35 -10.54 -12.23
N GLY B 90 10.16 -10.54 -12.82
CA GLY B 90 9.12 -11.42 -12.35
C GLY B 90 9.37 -12.85 -12.79
N ALA B 91 8.86 -13.81 -12.01
CA ALA B 91 9.05 -15.21 -12.36
C ALA B 91 8.42 -15.59 -13.68
N ASP B 92 7.53 -14.75 -14.24
CA ASP B 92 6.92 -15.01 -15.53
C ASP B 92 7.58 -14.22 -16.65
N ASP B 93 8.63 -13.47 -16.35
CA ASP B 93 9.39 -12.72 -17.34
C ASP B 93 10.69 -13.44 -17.68
N VAL B 94 11.24 -13.11 -18.85
CA VAL B 94 12.58 -13.54 -19.20
C VAL B 94 13.37 -12.35 -19.72
N TYR B 95 14.63 -12.27 -19.34
CA TYR B 95 15.57 -11.38 -20.00
C TYR B 95 15.94 -11.95 -21.37
N LYS B 96 16.17 -11.07 -22.34
CA LYS B 96 16.72 -11.49 -23.62
C LYS B 96 18.21 -11.66 -23.49
N PRO B 97 18.86 -12.32 -24.45
CA PRO B 97 20.32 -12.51 -24.36
C PRO B 97 21.08 -11.19 -24.46
N ASN B 98 22.19 -11.14 -23.72
CA ASN B 98 23.17 -10.06 -23.74
C ASN B 98 22.66 -8.77 -23.10
N VAL B 99 21.50 -8.82 -22.45
CA VAL B 99 20.96 -7.61 -21.86
C VAL B 99 21.83 -7.15 -20.70
N LEU B 100 22.28 -8.08 -19.85
CA LEU B 100 23.02 -7.65 -18.68
C LEU B 100 24.36 -7.02 -19.04
N SER B 101 25.04 -7.54 -20.07
CA SER B 101 26.28 -6.90 -20.51
C SER B 101 26.01 -5.52 -21.08
N VAL B 102 24.87 -5.35 -21.77
CA VAL B 102 24.49 -4.02 -22.25
C VAL B 102 24.31 -3.06 -21.08
N VAL B 103 23.67 -3.53 -20.00
CA VAL B 103 23.49 -2.70 -18.82
C VAL B 103 24.84 -2.34 -18.21
N LYS B 104 25.71 -3.33 -18.03
CA LYS B 104 27.03 -3.06 -17.47
C LYS B 104 27.78 -2.05 -18.33
N GLU B 105 27.71 -2.21 -19.65
CA GLU B 105 28.38 -1.30 -20.57
C GLU B 105 27.93 0.14 -20.36
N ASN B 106 26.62 0.38 -20.43
CA ASN B 106 26.13 1.74 -20.24
C ASN B 106 26.36 2.23 -18.82
N ALA B 107 26.34 1.33 -17.83
CA ALA B 107 26.57 1.73 -16.45
C ALA B 107 28.01 2.12 -16.19
N SER B 108 28.95 1.73 -17.06
CA SER B 108 30.35 2.08 -16.82
C SER B 108 30.63 3.56 -17.02
N ARG B 109 29.71 4.31 -17.63
CA ARG B 109 29.87 5.74 -17.81
C ARG B 109 29.22 6.55 -16.69
N GLY B 110 28.65 5.88 -15.68
CA GLY B 110 28.09 6.54 -14.53
C GLY B 110 26.59 6.76 -14.57
N VAL B 111 25.91 6.33 -15.64
CA VAL B 111 24.46 6.46 -15.69
C VAL B 111 23.85 5.62 -14.57
N GLU B 112 22.82 6.16 -13.94
CA GLU B 112 22.27 5.55 -12.74
C GLU B 112 21.09 4.64 -13.03
N ILE B 113 20.40 4.84 -14.16
CA ILE B 113 19.30 3.97 -14.57
C ILE B 113 19.50 3.62 -16.04
N VAL B 114 19.50 2.33 -16.33
CA VAL B 114 19.51 1.82 -17.70
C VAL B 114 18.22 1.04 -17.89
N ALA B 115 17.43 1.43 -18.88
CA ALA B 115 16.18 0.75 -19.17
C ALA B 115 16.13 0.39 -20.65
N GLY B 116 15.48 -0.72 -20.94
CA GLY B 116 15.30 -1.14 -22.30
C GLY B 116 13.83 -1.28 -22.64
N LEU B 117 13.54 -1.88 -23.79
CA LEU B 117 12.19 -2.07 -24.24
C LEU B 117 11.63 -3.39 -23.71
N THR B 118 10.31 -3.51 -23.80
CA THR B 118 9.58 -4.64 -23.26
C THR B 118 8.70 -5.21 -24.35
N LEU B 119 8.72 -6.54 -24.49
CA LEU B 119 7.89 -7.26 -25.46
C LEU B 119 6.75 -7.91 -24.70
N ILE B 120 5.53 -7.48 -24.99
CA ILE B 120 4.32 -7.98 -24.34
C ILE B 120 3.45 -8.56 -25.44
N ASP B 121 3.24 -9.89 -25.39
CA ASP B 121 2.43 -10.60 -26.37
C ASP B 121 2.86 -10.25 -27.80
N GLY B 122 4.16 -10.26 -28.03
CA GLY B 122 4.69 -10.02 -29.36
C GLY B 122 4.59 -8.59 -29.83
N GLN B 123 4.39 -7.63 -28.93
CA GLN B 123 4.35 -6.22 -29.30
C GLN B 123 5.14 -5.42 -28.29
N LEU B 124 5.78 -4.36 -28.78
CA LEU B 124 6.57 -3.49 -27.94
C LEU B 124 5.67 -2.63 -27.06
N ARG B 125 5.99 -2.58 -25.78
CA ARG B 125 5.32 -1.65 -24.88
C ARG B 125 5.46 -0.23 -25.42
N ALA B 126 4.37 0.54 -25.36
CA ALA B 126 4.35 1.92 -25.85
C ALA B 126 5.03 2.82 -24.81
N ASP B 127 6.35 2.72 -24.76
CA ASP B 127 7.09 3.48 -23.77
C ASP B 127 7.00 4.98 -24.07
N GLU B 128 7.20 5.76 -23.02
CA GLU B 128 7.31 7.21 -23.07
C GLU B 128 8.69 7.59 -22.54
N GLN B 129 9.11 8.81 -22.81
CA GLN B 129 10.44 9.24 -22.40
C GLN B 129 10.51 9.51 -20.90
N TYR B 130 11.67 9.24 -20.33
CA TYR B 130 12.00 9.56 -18.93
C TYR B 130 12.35 11.04 -18.90
N ARG B 131 11.38 11.85 -18.48
CA ARG B 131 11.40 13.30 -18.48
C ARG B 131 10.16 13.75 -17.71
N PRO B 132 10.02 15.04 -17.43
CA PRO B 132 8.84 15.50 -16.66
C PRO B 132 7.49 15.09 -17.25
N ALA B 133 7.38 14.97 -18.57
CA ALA B 133 6.13 14.55 -19.15
C ALA B 133 5.68 13.19 -18.65
N ALA B 134 6.59 12.36 -18.15
CA ALA B 134 6.19 11.07 -17.60
C ALA B 134 5.40 11.23 -16.30
N LEU B 135 5.54 12.36 -15.62
CA LEU B 135 4.90 12.55 -14.32
C LEU B 135 3.40 12.75 -14.41
N ILE B 136 2.83 12.89 -15.61
CA ILE B 136 1.39 12.92 -15.79
C ILE B 136 0.91 11.63 -16.44
N SER B 137 1.74 10.59 -16.41
CA SER B 137 1.40 9.30 -17.01
C SER B 137 1.78 8.21 -16.01
N GLY B 138 1.93 6.98 -16.50
CA GLY B 138 2.42 5.87 -15.70
C GLY B 138 3.92 5.73 -15.81
N ILE B 139 4.40 4.52 -15.55
CA ILE B 139 5.85 4.26 -15.62
C ILE B 139 6.29 4.38 -17.08
N PRO B 140 7.34 5.15 -17.39
CA PRO B 140 7.65 5.39 -18.81
C PRO B 140 8.23 4.19 -19.54
N PHE B 141 8.85 3.26 -18.83
CA PHE B 141 9.39 2.03 -19.41
C PHE B 141 8.92 0.88 -18.52
N GLY B 142 8.95 -0.32 -19.09
CA GLY B 142 8.58 -1.49 -18.32
C GLY B 142 9.48 -1.64 -17.12
N HIS B 143 8.91 -1.89 -15.94
CA HIS B 143 9.72 -1.92 -14.73
C HIS B 143 10.79 -3.01 -14.78
N ASN B 144 10.44 -4.17 -15.30
CA ASN B 144 11.40 -5.26 -15.38
C ASN B 144 12.44 -5.04 -16.47
N ALA B 145 12.28 -4.02 -17.30
CA ALA B 145 13.31 -3.62 -18.26
C ALA B 145 14.23 -2.57 -17.67
N MET B 146 14.08 -2.27 -16.37
CA MET B 146 14.82 -1.22 -15.72
C MET B 146 15.94 -1.78 -14.85
N PHE B 147 17.09 -1.11 -14.88
CA PHE B 147 18.22 -1.41 -14.02
C PHE B 147 18.62 -0.10 -13.37
N ALA B 148 18.75 -0.10 -12.05
CA ALA B 148 19.07 1.10 -11.30
C ALA B 148 20.26 0.82 -10.39
N SER B 149 21.15 1.81 -10.28
CA SER B 149 22.37 1.63 -9.54
C SER B 149 22.10 1.65 -8.04
N GLN B 150 23.08 1.17 -7.29
CA GLN B 150 23.07 1.34 -5.85
C GLN B 150 22.85 2.81 -5.47
N GLU B 151 23.60 3.72 -6.11
CA GLU B 151 23.46 5.13 -5.77
C GLU B 151 22.05 5.64 -6.09
N ALA B 152 21.45 5.12 -7.16
CA ALA B 152 20.11 5.54 -7.53
C ALA B 152 19.08 5.13 -6.46
N TYR B 153 19.21 3.92 -5.93
CA TYR B 153 18.27 3.46 -4.90
C TYR B 153 18.50 4.18 -3.59
N ARG B 154 19.76 4.41 -3.22
CA ARG B 154 20.05 5.12 -1.99
C ARG B 154 19.55 6.56 -2.05
N LYS B 155 19.51 7.15 -3.25
CA LYS B 155 19.02 8.52 -3.36
C LYS B 155 17.50 8.58 -3.43
N VAL B 156 16.88 7.66 -4.15
CA VAL B 156 15.42 7.70 -4.35
C VAL B 156 14.69 7.03 -3.19
N GLY B 157 15.19 5.91 -2.71
CA GLY B 157 14.51 5.16 -1.67
C GLY B 157 13.93 3.87 -2.19
N LEU B 158 13.07 3.27 -1.38
CA LEU B 158 12.46 1.99 -1.69
C LEU B 158 11.05 2.19 -2.22
N TYR B 159 10.39 1.08 -2.52
CA TYR B 159 9.07 1.12 -3.10
C TYR B 159 7.98 1.29 -2.04
N ASP B 160 7.01 2.14 -2.37
CA ASP B 160 5.94 2.52 -1.44
C ASP B 160 4.85 1.47 -1.50
N LEU B 161 4.68 0.74 -0.39
CA LEU B 161 3.77 -0.40 -0.36
C LEU B 161 2.30 0.01 -0.41
N ALA B 162 1.98 1.28 -0.18
CA ALA B 162 0.60 1.72 -0.35
C ALA B 162 0.11 1.46 -1.77
N TYR B 163 1.02 1.41 -2.75
CA TYR B 163 0.69 1.15 -4.14
C TYR B 163 0.99 -0.31 -4.46
N ARG B 164 -0.04 -1.14 -4.41
CA ARG B 164 0.15 -2.57 -4.63
C ARG B 164 0.39 -2.90 -6.09
N ILE B 165 0.11 -1.99 -7.01
CA ILE B 165 0.31 -2.23 -8.44
C ILE B 165 1.39 -1.30 -9.01
N CYS B 166 1.26 -0.01 -8.75
CA CYS B 166 2.04 1.01 -9.43
C CYS B 166 3.11 1.64 -8.53
N ALA B 167 3.58 0.91 -7.51
CA ALA B 167 4.72 1.42 -6.74
C ALA B 167 5.93 1.65 -7.64
N ASP B 168 6.07 0.85 -8.68
CA ASP B 168 7.21 1.01 -9.57
C ASP B 168 7.15 2.33 -10.32
N ALA B 169 5.95 2.69 -10.81
CA ALA B 169 5.79 4.00 -11.45
C ALA B 169 6.06 5.13 -10.47
N GLU B 170 5.63 4.99 -9.22
CA GLU B 170 5.85 6.04 -8.22
C GLU B 170 7.33 6.22 -7.96
N TRP B 171 8.07 5.11 -7.91
CA TRP B 171 9.52 5.15 -7.73
C TRP B 171 10.20 5.84 -8.93
N VAL B 172 9.81 5.48 -10.14
CA VAL B 172 10.44 6.11 -11.30
C VAL B 172 10.11 7.60 -11.33
N HIS B 173 8.87 7.97 -10.99
CA HIS B 173 8.54 9.39 -10.95
C HIS B 173 9.39 10.11 -9.91
N ARG B 174 9.60 9.49 -8.74
CA ARG B 174 10.50 10.09 -7.75
C ARG B 174 11.91 10.21 -8.32
N ALA B 175 12.35 9.22 -9.08
CA ALA B 175 13.68 9.30 -9.70
C ALA B 175 13.75 10.46 -10.68
N ILE B 176 12.70 10.65 -11.49
CA ILE B 176 12.67 11.78 -12.41
C ILE B 176 12.74 13.09 -11.62
N LYS B 177 11.99 13.19 -10.52
CA LYS B 177 11.95 14.44 -9.77
C LYS B 177 13.28 14.70 -9.08
N SER B 178 14.04 13.65 -8.80
CA SER B 178 15.37 13.76 -8.24
C SER B 178 16.44 13.89 -9.32
N ASP B 179 16.07 13.91 -10.59
CA ASP B 179 17.04 14.13 -11.66
C ASP B 179 18.08 13.02 -11.70
N ILE B 180 17.64 11.79 -11.42
CA ILE B 180 18.50 10.62 -11.59
C ILE B 180 18.78 10.42 -13.07
N SER B 181 20.04 10.20 -13.43
CA SER B 181 20.39 10.04 -14.83
C SER B 181 19.85 8.71 -15.37
N CYS B 182 19.42 8.72 -16.63
CA CYS B 182 18.79 7.55 -17.24
C CYS B 182 19.20 7.44 -18.70
N ARG B 183 19.53 6.21 -19.10
CA ARG B 183 19.82 5.86 -20.49
C ARG B 183 18.77 4.85 -20.91
N LYS B 184 17.98 5.20 -21.94
CA LYS B 184 17.02 4.29 -22.53
C LYS B 184 17.68 3.60 -23.73
N VAL B 185 17.79 2.28 -23.67
CA VAL B 185 18.36 1.50 -24.75
C VAL B 185 17.22 0.99 -25.62
N GLU B 186 17.29 1.26 -26.92
CA GLU B 186 16.22 0.89 -27.83
C GLU B 186 16.37 -0.57 -28.26
N GLN B 187 16.48 -1.41 -27.25
CA GLN B 187 16.54 -2.85 -27.45
C GLN B 187 15.57 -3.54 -26.49
N VAL B 188 15.02 -4.67 -26.93
CA VAL B 188 14.19 -5.47 -26.03
C VAL B 188 15.07 -6.08 -24.94
N PHE B 189 14.80 -5.74 -23.68
CA PHE B 189 15.43 -6.33 -22.52
C PHE B 189 14.66 -7.52 -21.95
N VAL B 190 13.34 -7.45 -21.90
CA VAL B 190 12.52 -8.44 -21.22
C VAL B 190 11.32 -8.76 -22.09
N GLU B 191 10.90 -10.01 -22.07
CA GLU B 191 9.72 -10.49 -22.75
C GLU B 191 8.82 -11.16 -21.73
N PHE B 192 7.51 -11.01 -21.91
CA PHE B 192 6.57 -11.84 -21.19
C PHE B 192 5.26 -11.94 -21.95
N GLY B 193 4.37 -12.77 -21.40
CA GLY B 193 3.03 -12.93 -21.92
C GLY B 193 2.00 -12.60 -20.85
N THR B 194 0.80 -12.19 -21.27
CA THR B 194 -0.25 -11.77 -20.34
C THR B 194 -1.23 -12.89 -20.02
N GLU B 195 -1.08 -14.06 -20.63
CA GLU B 195 -1.92 -15.19 -20.28
C GLU B 195 -1.77 -15.49 -18.78
N GLY B 196 -2.77 -16.18 -18.25
CA GLY B 196 -2.74 -16.56 -16.86
C GLY B 196 -4.12 -17.00 -16.41
N THR B 197 -4.19 -17.39 -15.14
CA THR B 197 -5.46 -17.58 -14.46
C THR B 197 -5.81 -16.40 -13.57
N SER B 198 -4.98 -15.35 -13.60
CA SER B 198 -5.15 -14.16 -12.79
C SER B 198 -5.59 -12.98 -13.64
N SER B 199 -6.15 -11.98 -12.99
CA SER B 199 -6.54 -10.75 -13.66
C SER B 199 -6.77 -9.69 -12.60
N THR B 200 -6.17 -8.51 -12.82
CA THR B 200 -6.42 -7.35 -11.99
C THR B 200 -7.48 -6.49 -12.66
N ASN B 201 -8.34 -5.90 -11.85
CA ASN B 201 -9.41 -5.09 -12.39
C ASN B 201 -8.82 -3.78 -12.92
N PRO B 202 -9.18 -3.37 -14.14
CA PRO B 202 -8.63 -2.11 -14.66
C PRO B 202 -8.88 -0.93 -13.73
N GLU B 203 -10.03 -0.91 -13.07
CA GLU B 203 -10.36 0.18 -12.16
C GLU B 203 -9.26 0.39 -11.13
N GLU B 204 -8.73 -0.69 -10.56
CA GLU B 204 -7.68 -0.53 -9.56
C GLU B 204 -6.41 0.05 -10.17
N ILE B 205 -6.00 -0.49 -11.32
CA ILE B 205 -4.81 0.03 -11.99
C ILE B 205 -4.96 1.53 -12.23
N ILE B 206 -6.10 1.92 -12.81
CA ILE B 206 -6.29 3.33 -13.12
C ILE B 206 -6.32 4.16 -11.85
N ALA B 207 -7.02 3.69 -10.82
CA ALA B 207 -7.08 4.42 -9.56
C ALA B 207 -5.67 4.63 -9.01
N GLU B 208 -4.83 3.59 -9.02
CA GLU B 208 -3.47 3.77 -8.54
C GLU B 208 -2.70 4.72 -9.44
N ALA B 209 -2.84 4.59 -10.75
CA ALA B 209 -2.12 5.47 -11.66
C ALA B 209 -2.48 6.93 -11.42
N CYS B 210 -3.76 7.21 -11.21
CA CYS B 210 -4.18 8.59 -10.92
C CYS B 210 -3.61 9.06 -9.59
N SER B 211 -3.54 8.17 -8.61
CA SER B 211 -2.99 8.55 -7.31
C SER B 211 -1.51 8.91 -7.42
N VAL B 212 -0.76 8.11 -8.18
CA VAL B 212 0.66 8.40 -8.39
C VAL B 212 0.85 9.80 -8.96
N ILE B 213 0.05 10.15 -9.97
CA ILE B 213 0.13 11.46 -10.62
C ILE B 213 -0.21 12.58 -9.65
N GLN B 214 -1.25 12.38 -8.83
CA GLN B 214 -1.57 13.36 -7.80
C GLN B 214 -0.43 13.50 -6.80
N ARG B 215 0.33 12.43 -6.59
CA ARG B 215 1.46 12.52 -5.66
C ARG B 215 2.53 13.44 -6.22
N ASN B 216 2.62 13.55 -7.54
CA ASN B 216 3.51 14.55 -8.12
C ASN B 216 2.88 15.95 -8.08
N PHE B 217 1.58 16.03 -8.39
CA PHE B 217 0.87 17.29 -8.56
C PHE B 217 -0.35 17.26 -7.67
N PRO B 218 -0.17 17.55 -6.37
CA PRO B 218 -1.26 17.34 -5.40
C PRO B 218 -2.43 18.30 -5.53
N PHE B 219 -2.31 19.35 -6.33
CA PHE B 219 -3.41 20.25 -6.62
C PHE B 219 -4.42 19.64 -7.57
N LEU B 220 -4.08 18.53 -8.21
CA LEU B 220 -4.96 17.94 -9.21
C LEU B 220 -6.06 17.14 -8.54
N LEU B 221 -7.28 17.31 -9.04
CA LEU B 221 -8.37 16.40 -8.72
C LEU B 221 -8.13 15.05 -9.40
N LYS B 222 -8.72 14.00 -8.81
CA LYS B 222 -8.55 12.67 -9.38
C LYS B 222 -8.97 12.64 -10.84
N GLU B 223 -10.10 13.24 -11.17
CA GLU B 223 -10.57 13.21 -12.56
C GLU B 223 -9.67 14.04 -13.47
N GLU B 224 -8.96 15.03 -12.93
CA GLU B 224 -8.01 15.79 -13.74
C GLU B 224 -6.72 14.99 -13.96
N ALA B 225 -6.24 14.29 -12.93
CA ALA B 225 -5.12 13.38 -13.14
C ALA B 225 -5.47 12.31 -14.17
N LYS B 226 -6.70 11.80 -14.12
CA LYS B 226 -7.13 10.78 -15.08
C LYS B 226 -7.18 11.36 -16.48
N TYR B 227 -7.70 12.59 -16.62
CA TYR B 227 -7.75 13.23 -17.93
C TYR B 227 -6.35 13.35 -18.51
N LEU B 228 -5.38 13.77 -17.71
CA LEU B 228 -4.02 13.93 -18.20
C LEU B 228 -3.43 12.58 -18.59
N LEU B 229 -3.61 11.58 -17.72
CA LEU B 229 -3.14 10.24 -18.04
C LEU B 229 -3.68 9.78 -19.39
N TYR B 230 -5.00 9.89 -19.57
CA TYR B 230 -5.64 9.42 -20.79
C TYR B 230 -5.19 10.25 -21.99
N GLY B 231 -5.03 11.56 -21.80
CA GLY B 231 -4.60 12.40 -22.90
C GLY B 231 -3.20 12.07 -23.38
N VAL B 232 -2.28 11.83 -22.44
CA VAL B 232 -0.91 11.50 -22.82
C VAL B 232 -0.84 10.14 -23.47
N ARG B 233 -1.58 9.18 -22.95
CA ARG B 233 -1.53 7.81 -23.45
C ARG B 233 -2.26 7.63 -24.77
N GLY B 234 -3.07 8.61 -25.17
CA GLY B 234 -3.89 8.46 -26.35
C GLY B 234 -5.22 7.80 -26.10
N TRP B 235 -5.65 7.73 -24.84
CA TRP B 235 -6.91 7.08 -24.51
C TRP B 235 -8.09 8.03 -24.52
N GLY B 236 -7.87 9.34 -24.44
CA GLY B 236 -8.95 10.28 -24.24
C GLY B 236 -8.69 11.59 -24.95
N GLU B 237 -9.66 12.49 -24.82
CA GLU B 237 -9.63 13.79 -25.46
C GLU B 237 -8.52 14.65 -24.86
N THR B 238 -8.21 15.75 -25.56
CA THR B 238 -7.18 16.69 -25.10
C THR B 238 -7.66 18.13 -25.17
N SER B 239 -8.94 18.36 -25.49
CA SER B 239 -9.43 19.71 -25.67
C SER B 239 -9.42 20.52 -24.38
N ARG B 240 -9.29 19.85 -23.23
CA ARG B 240 -9.27 20.50 -21.93
C ARG B 240 -7.85 20.70 -21.40
N ILE B 241 -6.83 20.21 -22.11
CA ILE B 241 -5.48 20.28 -21.59
C ILE B 241 -5.07 21.74 -21.35
N GLU B 242 -5.48 22.64 -22.23
CA GLU B 242 -5.17 24.06 -22.07
C GLU B 242 -5.82 24.62 -20.80
N GLN B 243 -7.08 24.28 -20.57
CA GLN B 243 -7.77 24.75 -19.37
C GLN B 243 -7.04 24.30 -18.11
N ILE B 244 -6.61 23.04 -18.08
CA ILE B 244 -5.93 22.48 -16.92
C ILE B 244 -4.58 23.17 -16.72
N LEU B 245 -3.86 23.44 -17.80
CA LEU B 245 -2.59 24.15 -17.69
C LEU B 245 -2.78 25.56 -17.15
N ARG B 246 -3.80 26.26 -17.63
CA ARG B 246 -4.05 27.61 -17.15
C ARG B 246 -4.53 27.62 -15.71
N LYS B 247 -5.33 26.61 -15.33
CA LYS B 247 -5.89 26.57 -14.00
C LYS B 247 -4.79 26.40 -12.95
N TYR B 248 -3.78 25.61 -13.25
CA TYR B 248 -2.81 25.19 -12.25
C TYR B 248 -1.37 25.58 -12.56
N GLY B 249 -1.10 26.24 -13.69
CA GLY B 249 0.27 26.50 -14.07
C GLY B 249 1.07 27.19 -12.98
N HIS B 250 0.42 28.06 -12.22
CA HIS B 250 1.10 28.80 -11.17
C HIS B 250 1.58 27.92 -10.02
N GLU B 251 1.06 26.68 -9.93
CA GLU B 251 1.38 25.82 -8.80
C GLU B 251 2.82 25.33 -8.85
N SER B 252 3.31 24.98 -10.04
CA SER B 252 4.67 24.45 -10.14
C SER B 252 5.19 24.50 -11.57
N VAL B 253 6.43 24.94 -11.76
CA VAL B 253 7.01 24.97 -13.10
C VAL B 253 7.19 23.55 -13.63
N LEU B 254 7.35 22.57 -12.74
CA LEU B 254 7.48 21.18 -13.17
C LEU B 254 6.20 20.69 -13.84
N PHE B 255 5.04 21.03 -13.27
CA PHE B 255 3.78 20.72 -13.93
C PHE B 255 3.71 21.37 -15.31
N VAL B 256 4.09 22.64 -15.39
CA VAL B 256 4.06 23.35 -16.67
C VAL B 256 5.00 22.68 -17.66
N THR B 257 6.20 22.33 -17.19
CA THR B 257 7.14 21.61 -18.05
C THR B 257 6.54 20.30 -18.52
N ALA B 258 5.99 19.52 -17.60
CA ALA B 258 5.42 18.22 -17.96
C ALA B 258 4.40 18.36 -19.09
N LEU B 259 3.52 19.36 -18.99
CA LEU B 259 2.44 19.49 -19.96
C LEU B 259 2.95 19.97 -21.31
N GLN B 260 3.92 20.87 -21.31
CA GLN B 260 4.39 21.36 -22.60
C GLN B 260 5.29 20.34 -23.29
N GLU B 261 5.89 19.41 -22.53
CA GLU B 261 6.58 18.28 -23.15
C GLU B 261 5.59 17.24 -23.65
N ALA B 262 4.59 16.89 -22.83
CA ALA B 262 3.62 15.89 -23.26
C ALA B 262 2.83 16.41 -24.45
N PHE B 263 2.50 17.71 -24.45
CA PHE B 263 1.57 18.30 -25.41
C PHE B 263 2.20 19.55 -26.04
N PRO B 264 3.15 19.38 -26.95
CA PRO B 264 3.86 20.54 -27.50
C PRO B 264 2.96 21.61 -28.08
N ALA B 265 1.74 21.23 -28.49
CA ALA B 265 0.81 22.21 -29.00
C ALA B 265 0.51 23.31 -27.99
N VAL B 266 0.70 23.05 -26.69
CA VAL B 266 0.34 24.04 -25.68
C VAL B 266 1.54 24.83 -25.21
N GLU B 267 2.58 24.91 -26.05
CA GLU B 267 3.85 25.45 -25.61
C GLU B 267 3.77 26.96 -25.37
N THR B 268 2.92 27.69 -26.11
CA THR B 268 2.80 29.12 -25.88
C THR B 268 2.05 29.41 -24.58
N ALA B 269 1.01 28.64 -24.28
CA ALA B 269 0.33 28.79 -23.00
C ALA B 269 1.27 28.43 -21.86
N ALA B 270 2.14 27.45 -22.07
CA ALA B 270 3.09 27.06 -21.03
C ALA B 270 4.14 28.13 -20.80
N ALA B 271 4.66 28.71 -21.88
CA ALA B 271 5.61 29.82 -21.75
C ALA B 271 5.01 30.97 -20.95
N LEU B 272 3.73 31.28 -21.20
CA LEU B 272 3.07 32.34 -20.44
C LEU B 272 3.03 32.01 -18.95
N GLU B 273 2.86 30.73 -18.59
CA GLU B 273 2.85 30.36 -17.19
C GLU B 273 4.23 30.53 -16.56
N HIS B 274 5.27 30.05 -17.25
CA HIS B 274 6.65 30.28 -16.80
C HIS B 274 6.86 31.75 -16.51
N HIS B 275 6.56 32.60 -17.50
CA HIS B 275 6.84 34.04 -17.38
C HIS B 275 6.13 34.65 -16.18
N HIS B 276 4.90 34.21 -15.93
CA HIS B 276 4.09 34.92 -14.95
C HIS B 276 4.33 34.43 -13.53
N HIS B 277 4.78 33.20 -13.36
CA HIS B 277 4.79 32.59 -12.03
C HIS B 277 6.12 31.94 -11.64
N HIS B 278 7.00 31.59 -12.57
CA HIS B 278 8.17 30.77 -12.23
C HIS B 278 9.48 31.38 -12.75
N HIS B 279 10.25 31.95 -11.84
CA HIS B 279 11.57 32.47 -12.17
C HIS B 279 12.59 32.08 -11.09
P 5GP C . -15.67 3.04 2.17
O1P 5GP C . -15.45 3.71 0.84
O2P 5GP C . -14.53 2.15 2.61
O3P 5GP C . -17.05 2.41 2.30
O5' 5GP C . -15.71 4.21 3.24
C5' 5GP C . -14.67 4.35 4.21
C4' 5GP C . -14.45 5.78 4.62
O4' 5GP C . -13.19 6.26 4.06
C3' 5GP C . -15.51 6.77 4.15
O3' 5GP C . -15.51 7.87 5.04
C2' 5GP C . -14.95 7.19 2.79
O2' 5GP C . -15.48 8.41 2.32
C1' 5GP C . -13.45 7.27 3.09
N9 5GP C . -12.54 7.02 1.98
C8 5GP C . -12.59 6.03 1.06
N7 5GP C . -11.50 6.15 0.25
C5 5GP C . -10.75 7.19 0.67
C6 5GP C . -9.55 7.77 0.24
O6 5GP C . -8.91 7.33 -0.76
N1 5GP C . -9.07 8.83 0.89
C2 5GP C . -9.73 9.33 1.96
N2 5GP C . -9.26 10.39 2.63
N3 5GP C . -10.89 8.79 2.38
C4 5GP C . -11.42 7.72 1.76
H5'1 5GP C . -13.74 3.95 3.79
H5'2 5GP C . -14.92 3.75 5.09
H4' 5GP C . -14.41 5.80 5.71
H3' 5GP C . -16.49 6.30 4.05
H2' 5GP C . -15.11 6.40 2.05
HO2' 5GP C . -15.18 8.57 1.41
H1' 5GP C . -13.27 8.29 3.49
H8 5GP C . -13.35 5.27 0.97
HN1 5GP C . -8.18 9.27 0.58
HN21 5GP C . -8.43 10.86 2.36
HN22 5GP C . -9.79 10.74 3.42
C1 GOL D . -18.54 -7.00 6.97
O1 GOL D . -19.05 -7.55 8.18
C2 GOL D . -18.40 -5.48 7.24
O2 GOL D . -19.60 -4.85 7.11
C3 GOL D . -17.82 -5.44 8.65
O3 GOL D . -17.20 -4.18 8.77
H11 GOL D . -19.14 -7.14 6.20
H12 GOL D . -17.69 -7.37 6.70
HO1 GOL D . -19.18 -8.35 8.05
H2 GOL D . -17.81 -5.02 6.62
HO2 GOL D . -19.46 -4.03 7.17
H31 GOL D . -17.21 -6.19 8.77
H32 GOL D . -18.53 -5.59 9.29
HO3 GOL D . -17.21 -3.95 9.59
C1 GOL E . 0.28 9.45 18.72
O1 GOL E . 0.62 10.16 19.90
C2 GOL E . 1.45 9.66 17.70
O2 GOL E . 2.65 9.74 18.32
C3 GOL E . 1.25 8.48 16.74
O3 GOL E . 2.37 7.61 16.87
H11 GOL E . -0.55 9.77 18.33
H12 GOL E . 0.16 8.51 18.88
HO1 GOL E . 1.46 10.27 19.89
H2 GOL E . 1.40 10.50 17.22
HO2 GOL E . 3.08 9.07 18.12
H31 GOL E . 1.14 8.83 15.85
H32 GOL E . 0.42 8.05 16.97
HO3 GOL E . 2.07 6.82 17.01
S DMS F . -15.04 -23.61 -1.72
O DMS F . -14.80 -22.37 -2.52
C1 DMS F . -16.50 -23.40 -0.67
C2 DMS F . -15.61 -24.97 -2.79
H11 DMS F . -17.14 -24.24 -0.77
H12 DMS F . -16.20 -23.30 0.34
H13 DMS F . -17.02 -22.53 -0.97
H21 DMS F . -16.48 -24.67 -3.31
H22 DMS F . -15.81 -25.82 -2.20
H23 DMS F . -14.84 -25.20 -3.49
S DMS G . -7.20 18.93 -4.67
O DMS G . -5.97 19.18 -3.84
C1 DMS G . -7.22 17.19 -5.20
C2 DMS G . -8.66 18.97 -3.60
H11 DMS G . -6.25 16.90 -5.51
H12 DMS G . -7.91 17.08 -6.00
H13 DMS G . -7.53 16.58 -4.39
H21 DMS G . -9.04 19.96 -3.56
H22 DMS G . -8.40 18.64 -2.63
H23 DMS G . -9.41 18.33 -4.00
C2 BGC H . -14.45 -4.82 10.65
C3 BGC H . -13.97 -3.52 10.08
C4 BGC H . -12.57 -3.59 9.60
C5 BGC H . -12.34 -4.68 8.56
C6 BGC H . -10.93 -4.80 8.13
C1 BGC H . -14.18 -5.94 9.63
O2 BGC H . -15.87 -4.84 10.87
O3 BGC H . -13.98 -2.53 11.15
O4 BGC H . -12.15 -2.34 9.03
O5 BGC H . -12.78 -5.98 9.15
O6 BGC H . -10.16 -5.33 9.16
H2 BGC H . -13.96 -4.97 11.60
H3 BGC H . -14.63 -3.24 9.27
H4 BGC H . -11.96 -3.80 10.49
H5 BGC H . -12.88 -4.42 7.66
H61 BGC H . -10.55 -3.81 7.87
H62 BGC H . -10.87 -5.45 7.26
H1 BGC H . -14.82 -5.75 8.79
HO2 BGC H . -16.06 -4.15 11.48
HO3 BGC H . -14.57 -1.82 10.92
HO4 BGC H . -11.80 -1.80 9.72
HO6 BGC H . -9.43 -4.76 9.29
C15 A1CCW I . -11.99 -10.71 7.97
C17 A1CCW I . -15.66 -10.34 8.58
C11 A1CCW I . -14.55 -8.20 9.12
C12 A1CCW I . -13.21 -8.80 8.93
C14 A1CCW I . -13.30 -10.00 7.99
C37 A1CCW I . -15.62 -9.14 9.52
C39 A1CCW I . -16.52 -9.87 11.61
C40 A1CCW I . -16.39 -10.54 12.98
O10 A1CCW I . -14.50 -7.17 10.16
O13 A1CCW I . -12.60 -9.23 10.16
O16 A1CCW I . -14.36 -10.99 8.41
O38 A1CCW I . -15.37 -9.68 10.82
O41 A1CCW I . -17.60 -9.53 11.27
H151 A1CCW I . -11.96 -11.39 7.12
H153 A1CCW I . -11.87 -11.27 8.89
H152 A1CCW I . -11.19 -9.98 7.87
H171 A1CCW I . -16.38 -11.04 8.99
H111 A1CCW I . -14.77 -7.75 8.16
H121 A1CCW I . -12.56 -8.03 8.53
H141 A1CCW I . -13.53 -9.64 6.99
H371 A1CCW I . -16.55 -8.59 9.54
H402 A1CCW I . -17.05 -10.04 13.68
H403 A1CCW I . -15.37 -10.46 13.33
H401 A1CCW I . -16.67 -11.58 12.89
H131 A1CCW I . -11.97 -8.57 10.39
C1 FUC J . -18.09 -12.08 5.03
C2 FUC J . -17.77 -11.03 6.09
C3 FUC J . -16.32 -11.08 6.50
C4 FUC J . -15.46 -11.05 5.32
C5 FUC J . -15.77 -12.14 4.29
C6 FUC J . -14.90 -11.95 3.11
O2 FUC J . -18.58 -11.28 7.23
O3 FUC J . -16.06 -9.92 7.34
O4 FUC J . -15.63 -9.77 4.68
O5 FUC J . -17.20 -12.04 3.87
H1 FUC J . -19.11 -11.92 4.69
H2 FUC J . -17.97 -10.04 5.68
H3 FUC J . -16.13 -11.98 7.07
H4 FUC J . -14.43 -11.19 5.65
H5 FUC J . -15.58 -13.11 4.71
H61 FUC J . -14.88 -12.87 2.53
H62 FUC J . -15.29 -11.14 2.50
H63 FUC J . -13.90 -11.70 3.44
HO2 FUC J . -19.39 -10.81 7.16
HO4 FUC J . -14.80 -9.38 4.46
CAA OC9 K . -14.73 -19.10 2.10
CAC OC9 K . -15.89 -19.56 2.98
CAE OC9 K . -15.64 -19.30 4.46
CAG OC9 K . -16.56 -18.18 4.96
CAI OC9 K . -16.21 -16.86 4.31
CAH OC9 K . -16.64 -15.67 5.17
CAF OC9 K . -18.14 -15.67 5.39
CAD OC9 K . -18.78 -14.33 5.05
OAB OC9 K . -17.97 -13.32 5.61
HAA1 OC9 K . -14.46 -18.08 2.35
HAA2 OC9 K . -13.87 -19.74 2.27
HAA3 OC9 K . -15.02 -19.15 1.06
HAC1 OC9 K . -16.03 -20.63 2.84
HAC2 OC9 K . -16.79 -19.04 2.68
HAE1 OC9 K . -14.62 -19.00 4.61
HAE2 OC9 K . -15.84 -20.20 5.03
HAG1 OC9 K . -16.46 -18.09 6.04
HAG2 OC9 K . -17.60 -18.43 4.73
HAI1 OC9 K . -16.70 -16.79 3.35
HAI2 OC9 K . -15.14 -16.81 4.15
HAH1 OC9 K . -16.35 -14.74 4.68
HAH2 OC9 K . -16.13 -15.73 6.13
HAF1 OC9 K . -18.58 -16.44 4.76
HAF2 OC9 K . -18.35 -15.91 6.43
HAD1 OC9 K . -19.77 -14.27 5.48
HAD2 OC9 K . -18.83 -14.21 3.98
S DMS L . -0.42 -9.10 1.03
O DMS L . -0.79 -8.03 2.04
C1 DMS L . 0.69 -10.27 1.81
C2 DMS L . -1.89 -10.13 0.71
H11 DMS L . 0.46 -11.25 1.49
H12 DMS L . 1.69 -10.04 1.54
H13 DMS L . 0.58 -10.22 2.86
H21 DMS L . -2.23 -10.56 1.62
H22 DMS L . -1.64 -10.90 0.03
H23 DMS L . -2.66 -9.53 0.30
P 5GP M . 2.18 -11.31 -10.65
O1P 5GP M . 0.99 -11.85 -9.90
O2P 5GP M . 2.15 -9.81 -10.89
O3P 5GP M . 2.59 -12.15 -11.83
O5' 5GP M . 3.40 -11.47 -9.65
C5' 5GP M . 4.64 -10.80 -9.90
C4' 5GP M . 5.80 -11.58 -9.36
O4' 5GP M . 5.81 -11.47 -7.90
C3' 5GP M . 5.78 -13.07 -9.65
O3' 5GP M . 7.11 -13.57 -9.68
C2' 5GP M . 5.02 -13.64 -8.46
O2' 5GP M . 5.28 -15.01 -8.21
C1' 5GP M . 5.54 -12.74 -7.32
N9 5GP M . 4.60 -12.50 -6.22
C8 5GP M . 3.28 -12.24 -6.27
N7 5GP M . 2.83 -12.02 -5.00
C5 5GP M . 3.88 -12.12 -4.16
C6 5GP M . 4.05 -11.99 -2.78
O6 5GP M . 3.05 -11.74 -2.05
N1 5GP M . 5.26 -12.16 -2.23
C2 5GP M . 6.31 -12.43 -3.02
N2 5GP M . 7.55 -12.60 -2.51
N3 5GP M . 6.18 -12.57 -4.36
C4 5GP M . 4.98 -12.41 -4.94
H5'1 5GP M . 4.76 -10.67 -10.97
H5'2 5GP M . 4.61 -9.81 -9.43
H4' 5GP M . 6.72 -11.15 -9.77
H3' 5GP M . 5.23 -13.29 -10.59
H2' 5GP M . 3.94 -13.47 -8.58
HO2' 5GP M . 4.50 -15.42 -7.81
H1' 5GP M . 6.44 -13.22 -6.94
H8 5GP M . 2.67 -12.22 -7.17
HN1 5GP M . 5.38 -12.07 -1.21
HN21 5GP M . 8.29 -12.80 -3.14
HN22 5GP M . 7.72 -12.53 -1.53
S DMS N . -5.06 5.01 -3.84
O DMS N . -5.65 4.14 -2.79
C1 DMS N . -3.41 4.39 -4.25
C2 DMS N . -5.92 4.73 -5.40
H11 DMS N . -2.70 4.74 -3.54
H12 DMS N . -3.13 4.75 -5.22
H13 DMS N . -3.42 3.33 -4.26
H21 DMS N . -5.42 5.26 -6.18
H22 DMS N . -6.91 5.07 -5.33
H23 DMS N . -5.91 3.69 -5.63
C2 BGC O . 4.27 -1.71 -16.84
C3 BGC O . 4.56 -2.61 -15.69
C4 BGC O . 4.22 -1.97 -14.40
C5 BGC O . 2.76 -1.55 -14.27
C6 BGC O . 2.48 -0.80 -13.03
C1 BGC O . 2.80 -1.28 -16.77
O2 BGC O . 4.46 -2.41 -18.06
O3 BGC O . 6.00 -2.86 -15.65
O4 BGC O . 4.44 -2.84 -13.28
O5 BGC O . 2.45 -0.72 -15.46
O6 BGC O . 3.19 0.40 -13.01
H2 BGC O . 4.94 -0.85 -16.82
H3 BGC O . 4.01 -3.53 -15.81
H4 BGC O . 4.89 -1.13 -14.37
H5 BGC O . 2.12 -2.43 -14.18
H61 BGC O . 1.42 -0.58 -12.98
H62 BGC O . 2.76 -1.39 -12.17
H1 BGC O . 2.27 -2.19 -17.01
HO2 BGC O . 5.36 -2.24 -18.31
HO3 BGC O . 6.17 -3.78 -15.75
HO4 BGC O . 5.34 -2.79 -13.05
HO6 BGC O . 3.64 0.43 -12.19
C15 A1CCW P . -1.35 2.42 -16.34
C17 A1CCW P . -0.91 0.32 -19.34
C11 A1CCW P . 0.98 -0.21 -17.64
C12 A1CCW P . 0.56 0.94 -16.81
C14 A1CCW P . -0.91 1.21 -17.08
C37 A1CCW P . 0.53 -0.10 -19.07
C39 A1CCW P . 1.68 0.81 -21.05
C40 A1CCW P . 1.22 -0.39 -21.83
O10 A1CCW P . 2.45 -0.33 -17.69
O13 A1CCW P . 1.36 2.09 -17.08
O16 A1CCW P . -1.19 1.49 -18.52
O38 A1CCW P . 1.42 0.87 -19.67
O41 A1CCW P . 2.26 1.72 -21.59
H151 A1CCW P . -2.43 2.44 -16.29
H153 A1CCW P . -0.93 2.40 -15.34
H152 A1CCW P . -1.01 3.30 -16.85
H171 A1CCW P . -1.13 0.58 -20.37
H111 A1CCW P . 0.55 -1.08 -17.15
H121 A1CCW P . 0.71 0.74 -15.75
H141 A1CCW P . -1.46 0.34 -16.75
H371 A1CCW P . 0.62 -1.09 -19.52
H402 A1CCW P . 2.01 -1.13 -21.83
H403 A1CCW P . 0.32 -0.80 -21.37
H401 A1CCW P . 1.00 -0.10 -22.86
H131 A1CCW P . 1.60 2.43 -16.23
C1 FUC Q . -4.91 -1.35 -20.77
C2 FUC Q . -3.41 -1.45 -20.49
C3 FUC Q . -3.04 -0.51 -19.38
C4 FUC Q . -3.85 -0.68 -18.17
C5 FUC Q . -5.33 -0.53 -18.47
C6 FUC Q . -6.14 -0.88 -17.27
O2 FUC Q . -2.70 -1.04 -21.66
O3 FUC Q . -1.67 -0.76 -19.00
O4 FUC Q . -3.61 -1.99 -17.63
O5 FUC Q . -5.75 -1.43 -19.57
H1 FUC Q . -5.18 -2.18 -21.41
H2 FUC Q . -3.15 -2.47 -20.24
H3 FUC Q . -3.18 0.49 -19.77
H4 FUC Q . -3.55 0.06 -17.43
H5 FUC Q . -5.52 0.51 -18.71
H61 FUC Q . -7.04 -0.28 -17.26
H62 FUC Q . -6.41 -1.93 -17.31
H63 FUC Q . -5.56 -0.68 -16.37
HO2 FUC Q . -2.65 -1.77 -22.27
HO4 FUC Q . -3.16 -1.89 -16.81
CAA OC9 R . -10.03 -0.74 -19.59
CAC OC9 R . -10.70 0.60 -19.83
CAE OC9 R . -9.82 1.77 -19.37
CAG OC9 R . -9.64 2.82 -20.47
CAI OC9 R . -8.17 2.91 -20.90
CAH OC9 R . -7.92 2.22 -22.24
CAF OC9 R . -6.56 1.54 -22.29
CAD OC9 R . -6.48 0.30 -21.40
OAB OC9 R . -5.14 -0.15 -21.40
HAA1 OC9 R . -10.77 -1.54 -19.66
HAA2 OC9 R . -9.58 -0.75 -18.59
HAA3 OC9 R . -9.25 -0.90 -20.33
HAC1 OC9 R . -10.91 0.71 -20.90
HAC2 OC9 R . -11.64 0.63 -19.29
HAE1 OC9 R . -10.29 2.24 -18.52
HAE2 OC9 R . -8.85 1.39 -19.09
HAG1 OC9 R . -9.96 3.79 -20.10
HAG2 OC9 R . -10.24 2.55 -21.33
HAI1 OC9 R . -7.89 3.96 -20.99
HAI2 OC9 R . -7.55 2.45 -20.14
HAH1 OC9 R . -8.70 1.48 -22.39
HAH2 OC9 R . -7.98 2.96 -23.03
HAF1 OC9 R . -5.80 2.24 -21.99
HAF2 OC9 R . -6.37 1.23 -23.32
HAD1 OC9 R . -7.13 -0.48 -21.78
HAD2 OC9 R . -6.78 0.56 -20.38
#